data_5E8J
#
_entry.id   5E8J
#
_cell.length_a   49.147
_cell.length_b   50.487
_cell.length_c   84.579
_cell.angle_alpha   90.060
_cell.angle_beta   92.410
_cell.angle_gamma   115.410
#
_symmetry.space_group_name_H-M   'P 1'
#
loop_
_entity.id
_entity.type
_entity.pdbx_description
1 polymer 'mRNA cap guanine-N7 methyltransferase'
2 polymer 'RNMT-activating mini protein'
3 non-polymer GLYCEROL
4 non-polymer S-ADENOSYL-L-HOMOCYSTEINE
5 water water
#
loop_
_entity_poly.entity_id
_entity_poly.type
_entity_poly.pdbx_seq_one_letter_code
_entity_poly.pdbx_strand_id
1 'polypeptide(L)'
;SQSRIFYLRNFNNWMKSVLIGEFLEKVRQKKKRDITVLDLGCGKGGDLLKWKKGRINKLVCTDIADVSVKQCQQRYEDMK
NRRDSEYIFSAEFITADSSKELLIDKFRDPQMCFDICSCQFVCHYSFESYEQADMMLRNACERLSPGGYFIGTTPNSFEL
IRRLEASETESFGNEIYTVKFQKKGDYPLFGCKYDFNLEGVVDVPEFLVYFPLLNEMAKKYNMKLVYKKTFLEFYEEKIK
NNENKMLLKRMQALEPYPANESSKLVSEKVDDYEHAAKYMKNSQVRLPLGTLSKSEWEATSIYLVFAFEKQQ
;
A,B
2 'polypeptide(L)' TDTAEAVPKFEEMFASRFTENDKEYQEYLKRPPESPPIVEEWNS C,D
#
loop_
_chem_comp.id
_chem_comp.type
_chem_comp.name
_chem_comp.formula
GOL non-polymer GLYCEROL 'C3 H8 O3'
SAH non-polymer S-ADENOSYL-L-HOMOCYSTEINE 'C14 H20 N6 O5 S'
#
# COMPACT_ATOMS: atom_id res chain seq x y z
N SER A 3 -8.17 3.32 43.23
CA SER A 3 -9.08 4.37 43.68
C SER A 3 -8.72 5.70 43.04
N ARG A 4 -7.44 6.06 43.14
CA ARG A 4 -6.91 7.17 42.35
C ARG A 4 -7.09 6.85 40.86
N ILE A 5 -7.17 5.56 40.56
CA ILE A 5 -7.23 5.06 39.20
C ILE A 5 -8.63 4.50 38.90
N PHE A 6 -9.53 4.67 39.85
CA PHE A 6 -10.90 4.16 39.79
C PHE A 6 -11.59 4.35 38.44
N TYR A 7 -11.52 5.57 37.91
CA TYR A 7 -12.23 5.89 36.66
C TYR A 7 -11.41 5.48 35.44
N LEU A 8 -10.09 5.51 35.58
CA LEU A 8 -9.20 5.01 34.54
C LEU A 8 -9.55 3.57 34.20
N ARG A 9 -9.77 2.75 35.23
CA ARG A 9 -10.15 1.36 35.04
C ARG A 9 -11.49 1.22 34.33
N ASN A 10 -12.49 1.93 34.85
CA ASN A 10 -13.84 1.87 34.29
C ASN A 10 -13.88 2.28 32.82
N PHE A 11 -13.15 3.34 32.48
CA PHE A 11 -13.09 3.81 31.10
C PHE A 11 -12.53 2.73 30.18
N ASN A 12 -11.39 2.16 30.57
CA ASN A 12 -10.77 1.07 29.82
C ASN A 12 -11.69 -0.13 29.68
N ASN A 13 -12.45 -0.41 30.74
CA ASN A 13 -13.44 -1.49 30.69
C ASN A 13 -14.59 -1.15 29.73
N TRP A 14 -14.96 0.12 29.69
CA TRP A 14 -15.98 0.58 28.75
C TRP A 14 -15.50 0.46 27.31
N MET A 15 -14.24 0.83 27.06
CA MET A 15 -13.64 0.69 25.74
C MET A 15 -13.77 -0.74 25.23
N LYS A 16 -13.41 -1.69 26.08
CA LYS A 16 -13.48 -3.11 25.73
C LYS A 16 -14.92 -3.55 25.51
N SER A 17 -15.83 -3.08 26.37
CA SER A 17 -17.24 -3.41 26.24
C SER A 17 -17.79 -3.00 24.89
N VAL A 18 -17.54 -1.76 24.49
CA VAL A 18 -18.05 -1.23 23.23
C VAL A 18 -17.35 -1.85 22.03
N LEU A 19 -16.04 -2.06 22.15
CA LEU A 19 -15.28 -2.73 21.09
C LEU A 19 -15.77 -4.16 20.88
N ILE A 20 -15.84 -4.92 21.97
CA ILE A 20 -16.39 -6.26 21.94
C ILE A 20 -17.81 -6.26 21.39
N GLY A 21 -18.61 -5.33 21.90
CA GLY A 21 -19.99 -5.21 21.49
C GLY A 21 -20.15 -5.03 20.00
N GLU A 22 -19.34 -4.14 19.41
CA GLU A 22 -19.47 -3.81 17.99
C GLU A 22 -19.26 -5.03 17.10
N PHE A 23 -18.24 -5.81 17.40
CA PHE A 23 -17.87 -6.95 16.56
C PHE A 23 -18.65 -8.22 16.89
N LEU A 24 -19.25 -8.28 18.07
CA LEU A 24 -20.23 -9.32 18.36
C LEU A 24 -21.46 -9.12 17.49
N GLU A 25 -21.85 -7.87 17.27
CA GLU A 25 -23.02 -7.58 16.44
C GLU A 25 -22.75 -7.87 14.97
N LYS A 26 -21.54 -7.56 14.52
CA LYS A 26 -21.15 -7.86 13.15
C LYS A 26 -21.12 -9.35 12.88
N VAL A 27 -20.45 -10.11 13.75
CA VAL A 27 -20.40 -11.56 13.63
C VAL A 27 -21.78 -12.19 13.59
N ARG A 28 -22.65 -11.78 14.51
CA ARG A 28 -24.00 -12.34 14.59
C ARG A 28 -24.84 -11.96 13.36
N GLN A 29 -24.46 -10.87 12.70
CA GLN A 29 -25.13 -10.47 11.48
C GLN A 29 -24.83 -11.44 10.34
N LYS A 30 -23.64 -12.03 10.37
CA LYS A 30 -23.22 -12.99 9.36
C LYS A 30 -23.52 -14.45 9.72
N LYS A 31 -23.39 -14.81 10.99
CA LYS A 31 -23.40 -16.22 11.39
C LYS A 31 -24.79 -16.77 11.71
N LYS A 32 -25.48 -16.15 12.66
CA LYS A 32 -26.80 -16.62 13.10
C LYS A 32 -26.68 -18.05 13.63
N ARG A 33 -25.85 -18.22 14.64
CA ARG A 33 -25.64 -19.50 15.30
C ARG A 33 -24.82 -19.34 16.57
N ASP A 34 -24.19 -20.43 17.01
CA ASP A 34 -23.38 -20.42 18.21
C ASP A 34 -22.06 -19.68 17.98
N ILE A 35 -21.83 -18.63 18.75
CA ILE A 35 -20.59 -17.87 18.65
C ILE A 35 -19.45 -18.46 19.49
N THR A 36 -18.31 -18.69 18.86
CA THR A 36 -17.13 -19.19 19.56
C THR A 36 -16.06 -18.11 19.60
N VAL A 37 -15.44 -17.92 20.76
CA VAL A 37 -14.50 -16.82 20.94
C VAL A 37 -13.23 -17.26 21.65
N LEU A 38 -12.09 -16.78 21.16
CA LEU A 38 -10.81 -16.99 21.83
C LEU A 38 -10.36 -15.74 22.58
N ASP A 39 -10.25 -15.84 23.90
CA ASP A 39 -9.77 -14.75 24.72
C ASP A 39 -8.28 -14.94 25.02
N LEU A 40 -7.43 -14.33 24.21
CA LEU A 40 -6.00 -14.59 24.24
C LEU A 40 -5.28 -13.63 25.18
N GLY A 41 -4.70 -14.18 26.24
CA GLY A 41 -4.11 -13.37 27.29
C GLY A 41 -5.24 -12.88 28.17
N CYS A 42 -6.02 -13.83 28.67
CA CYS A 42 -7.29 -13.52 29.31
C CYS A 42 -7.11 -12.88 30.69
N GLY A 43 -5.92 -13.03 31.26
CA GLY A 43 -5.67 -12.53 32.60
C GLY A 43 -6.50 -13.28 33.62
N LYS A 44 -7.02 -12.56 34.60
CA LYS A 44 -7.83 -13.15 35.65
C LYS A 44 -9.32 -13.13 35.28
N GLY A 45 -9.64 -12.78 34.04
CA GLY A 45 -10.99 -12.88 33.54
C GLY A 45 -11.77 -11.57 33.64
N GLY A 46 -11.11 -10.47 33.35
CA GLY A 46 -11.75 -9.17 33.42
C GLY A 46 -12.85 -8.99 32.39
N ASP A 47 -12.88 -9.88 31.40
CA ASP A 47 -13.82 -9.78 30.29
C ASP A 47 -14.84 -10.90 30.30
N LEU A 48 -14.77 -11.75 31.32
CA LEU A 48 -15.73 -12.84 31.48
C LEU A 48 -17.16 -12.31 31.46
N LEU A 49 -17.41 -11.28 32.26
CA LEU A 49 -18.73 -10.67 32.34
C LEU A 49 -19.17 -10.08 31.01
N LYS A 50 -18.24 -9.47 30.29
CA LYS A 50 -18.56 -8.85 29.00
C LYS A 50 -19.06 -9.89 28.01
N TRP A 51 -18.38 -11.03 27.96
CA TRP A 51 -18.78 -12.12 27.07
C TRP A 51 -20.08 -12.78 27.53
N LYS A 52 -20.31 -12.78 28.84
CA LYS A 52 -21.56 -13.30 29.37
C LYS A 52 -22.73 -12.42 28.92
N LYS A 53 -22.52 -11.11 28.95
CA LYS A 53 -23.55 -10.17 28.51
C LYS A 53 -23.78 -10.31 27.01
N GLY A 54 -22.72 -10.62 26.28
CA GLY A 54 -22.79 -10.79 24.84
C GLY A 54 -23.43 -12.08 24.35
N ARG A 55 -23.74 -12.98 25.27
CA ARG A 55 -24.42 -14.24 24.94
C ARG A 55 -23.67 -15.10 23.92
N ILE A 56 -22.38 -15.34 24.15
CA ILE A 56 -21.65 -16.27 23.30
C ILE A 56 -21.86 -17.69 23.82
N ASN A 57 -21.52 -18.69 23.02
CA ASN A 57 -21.81 -20.08 23.36
C ASN A 57 -20.60 -20.81 23.95
N LYS A 58 -19.42 -20.53 23.40
CA LYS A 58 -18.19 -21.07 23.98
C LYS A 58 -17.07 -20.05 23.98
N LEU A 59 -16.31 -20.05 25.07
CA LEU A 59 -15.18 -19.15 25.22
C LEU A 59 -13.95 -19.96 25.59
N VAL A 60 -12.81 -19.61 25.00
CA VAL A 60 -11.56 -20.24 25.37
C VAL A 60 -10.64 -19.20 25.97
N CYS A 61 -10.34 -19.36 27.25
CA CYS A 61 -9.48 -18.43 27.95
C CYS A 61 -8.09 -19.02 28.08
N THR A 62 -7.09 -18.26 27.64
CA THR A 62 -5.71 -18.72 27.68
C THR A 62 -4.79 -17.58 28.09
N ASP A 63 -3.73 -17.93 28.81
CA ASP A 63 -2.77 -16.95 29.31
C ASP A 63 -1.47 -17.66 29.66
N ILE A 64 -0.38 -16.90 29.72
CA ILE A 64 0.91 -17.47 30.07
C ILE A 64 1.02 -17.74 31.58
N ALA A 65 0.31 -16.94 32.37
CA ALA A 65 0.38 -17.04 33.82
C ALA A 65 -0.64 -18.04 34.35
N ASP A 66 -0.15 -19.19 34.81
CA ASP A 66 -1.01 -20.28 35.27
C ASP A 66 -1.91 -19.89 36.43
N VAL A 67 -1.39 -19.08 37.34
CA VAL A 67 -2.17 -18.63 38.49
C VAL A 67 -3.33 -17.74 38.03
N SER A 68 -3.10 -16.94 37.00
CA SER A 68 -4.14 -16.09 36.45
C SER A 68 -5.24 -16.90 35.78
N VAL A 69 -4.84 -17.84 34.93
CA VAL A 69 -5.78 -18.70 34.21
C VAL A 69 -6.75 -19.46 35.13
N LYS A 70 -6.21 -20.08 36.18
CA LYS A 70 -7.03 -20.83 37.12
C LYS A 70 -7.97 -19.89 37.87
N GLN A 71 -7.43 -18.74 38.24
CA GLN A 71 -8.20 -17.69 38.88
C GLN A 71 -9.31 -17.23 37.96
N CYS A 72 -8.99 -17.12 36.67
CA CYS A 72 -10.00 -16.84 35.65
C CYS A 72 -11.05 -17.94 35.63
N GLN A 73 -10.58 -19.18 35.70
CA GLN A 73 -11.46 -20.33 35.76
C GLN A 73 -12.36 -20.26 37.00
N GLN A 74 -11.77 -19.89 38.14
CA GLN A 74 -12.53 -19.80 39.39
C GLN A 74 -13.67 -18.78 39.31
N ARG A 75 -13.41 -17.62 38.72
CA ARG A 75 -14.48 -16.62 38.53
C ARG A 75 -15.60 -17.18 37.68
N TYR A 76 -15.23 -17.90 36.63
CA TYR A 76 -16.20 -18.42 35.69
C TYR A 76 -17.06 -19.48 36.37
N GLU A 77 -16.43 -20.36 37.13
CA GLU A 77 -17.15 -21.36 37.91
C GLU A 77 -18.15 -20.69 38.86
N ASP A 78 -17.70 -19.63 39.53
CA ASP A 78 -18.57 -18.89 40.43
C ASP A 78 -19.75 -18.25 39.71
N MET A 79 -19.51 -17.81 38.48
CA MET A 79 -20.57 -17.18 37.69
C MET A 79 -21.63 -18.19 37.26
N LYS A 80 -21.17 -19.36 36.82
CA LYS A 80 -22.08 -20.38 36.33
C LYS A 80 -22.78 -21.04 37.52
N ASN A 81 -22.05 -21.16 38.62
CA ASN A 81 -22.56 -21.84 39.82
C ASN A 81 -23.53 -20.98 40.62
N ARG A 82 -23.69 -19.72 40.22
CA ARG A 82 -24.73 -18.87 40.79
C ARG A 82 -26.00 -19.12 40.01
N ARG A 83 -26.80 -20.04 40.52
CA ARG A 83 -27.96 -20.53 39.82
C ARG A 83 -29.07 -19.48 39.73
N ASP A 84 -29.19 -18.95 38.51
CA ASP A 84 -30.22 -17.98 38.14
C ASP A 84 -30.70 -18.37 36.77
N SER A 85 -31.22 -17.41 36.02
CA SER A 85 -31.92 -17.70 34.78
C SER A 85 -31.03 -17.39 33.58
N GLU A 86 -29.94 -16.67 33.84
CA GLU A 86 -29.08 -16.17 32.77
C GLU A 86 -28.29 -17.31 32.14
N TYR A 87 -28.19 -17.30 30.82
CA TYR A 87 -27.35 -18.26 30.12
C TYR A 87 -25.87 -17.89 30.24
N ILE A 88 -25.01 -18.90 30.34
CA ILE A 88 -23.58 -18.67 30.32
C ILE A 88 -22.89 -19.60 29.33
N PHE A 89 -21.91 -19.05 28.62
CA PHE A 89 -21.10 -19.83 27.69
C PHE A 89 -20.41 -21.02 28.35
N SER A 90 -20.19 -22.09 27.59
CA SER A 90 -19.31 -23.15 28.03
C SER A 90 -17.90 -22.60 27.88
N ALA A 91 -16.96 -23.07 28.71
CA ALA A 91 -15.65 -22.44 28.74
C ALA A 91 -14.53 -23.45 28.90
N GLU A 92 -13.32 -22.99 28.56
CA GLU A 92 -12.15 -23.85 28.49
C GLU A 92 -10.94 -23.00 28.85
N PHE A 93 -10.06 -23.55 29.69
CA PHE A 93 -8.97 -22.75 30.23
C PHE A 93 -7.62 -23.40 30.01
N ILE A 94 -6.72 -22.65 29.37
CA ILE A 94 -5.44 -23.20 28.95
C ILE A 94 -4.28 -22.29 29.36
N THR A 95 -3.38 -22.82 30.17
CA THR A 95 -2.13 -22.14 30.46
C THR A 95 -1.15 -22.37 29.31
N ALA A 96 -0.65 -21.29 28.72
CA ALA A 96 0.20 -21.40 27.54
C ALA A 96 0.85 -20.09 27.15
N ASP A 97 2.08 -20.18 26.65
CA ASP A 97 2.77 -19.06 26.05
C ASP A 97 2.35 -18.99 24.58
N SER A 98 1.46 -18.06 24.26
CA SER A 98 0.92 -17.96 22.91
C SER A 98 1.90 -17.32 21.93
N SER A 99 3.14 -17.11 22.40
CA SER A 99 4.18 -16.59 21.52
C SER A 99 5.22 -17.65 21.18
N LYS A 100 5.13 -18.80 21.86
CA LYS A 100 6.07 -19.89 21.62
C LYS A 100 5.38 -21.25 21.50
N GLU A 101 4.07 -21.28 21.77
CA GLU A 101 3.32 -22.53 21.72
C GLU A 101 2.11 -22.42 20.81
N LEU A 102 1.83 -23.50 20.08
CA LEU A 102 0.68 -23.53 19.18
C LEU A 102 -0.58 -23.96 19.92
N LEU A 103 -1.55 -23.07 19.98
CA LEU A 103 -2.80 -23.30 20.72
C LEU A 103 -3.63 -24.46 20.15
N ILE A 104 -3.55 -24.67 18.84
CA ILE A 104 -4.36 -25.69 18.20
C ILE A 104 -4.05 -27.08 18.73
N ASP A 105 -2.82 -27.27 19.19
CA ASP A 105 -2.42 -28.55 19.77
C ASP A 105 -2.92 -28.70 21.21
N LYS A 106 -3.37 -27.59 21.79
CA LYS A 106 -3.83 -27.61 23.17
C LYS A 106 -5.35 -27.65 23.32
N PHE A 107 -6.08 -27.28 22.26
CA PHE A 107 -7.54 -27.22 22.34
C PHE A 107 -8.12 -28.61 22.58
N ARG A 108 -9.25 -28.66 23.29
CA ARG A 108 -9.94 -29.92 23.51
C ARG A 108 -10.33 -30.51 22.16
N ASP A 109 -10.80 -29.64 21.27
CA ASP A 109 -11.21 -30.01 19.93
C ASP A 109 -10.16 -29.60 18.91
N PRO A 110 -9.52 -30.59 18.29
CA PRO A 110 -8.44 -30.39 17.30
C PRO A 110 -8.91 -29.58 16.09
N GLN A 111 -10.22 -29.57 15.86
CA GLN A 111 -10.80 -28.92 14.69
C GLN A 111 -11.40 -27.57 15.06
N MET A 112 -11.05 -27.08 16.24
CA MET A 112 -11.61 -25.84 16.78
C MET A 112 -11.46 -24.63 15.85
N CYS A 113 -12.54 -23.88 15.68
CA CYS A 113 -12.50 -22.60 15.00
C CYS A 113 -13.13 -21.50 15.87
N PHE A 114 -12.79 -20.25 15.58
CA PHE A 114 -13.33 -19.13 16.35
C PHE A 114 -13.93 -18.06 15.43
N ASP A 115 -14.92 -17.34 15.95
CA ASP A 115 -15.50 -16.21 15.22
C ASP A 115 -14.80 -14.92 15.59
N ILE A 116 -14.26 -14.89 16.82
CA ILE A 116 -13.55 -13.72 17.32
C ILE A 116 -12.37 -14.11 18.19
N CYS A 117 -11.22 -13.51 17.94
CA CYS A 117 -10.12 -13.56 18.88
C CYS A 117 -9.98 -12.20 19.55
N SER A 118 -10.09 -12.17 20.87
CA SER A 118 -9.99 -10.93 21.60
C SER A 118 -8.66 -10.86 22.34
N CYS A 119 -7.81 -9.91 21.95
CA CYS A 119 -6.49 -9.77 22.53
C CYS A 119 -6.34 -8.37 23.13
N GLN A 120 -6.77 -8.22 24.38
CA GLN A 120 -6.81 -6.92 25.02
C GLN A 120 -5.56 -6.67 25.85
N PHE A 121 -4.72 -5.74 25.39
CA PHE A 121 -3.51 -5.34 26.10
C PHE A 121 -2.47 -6.46 26.19
N VAL A 122 -2.32 -7.24 25.12
CA VAL A 122 -1.42 -8.39 25.16
C VAL A 122 -0.42 -8.42 24.00
N CYS A 123 -0.88 -8.01 22.82
CA CYS A 123 -0.11 -8.16 21.57
C CYS A 123 1.36 -7.74 21.66
N HIS A 124 1.62 -6.65 22.37
CA HIS A 124 2.95 -6.05 22.36
C HIS A 124 4.01 -6.88 23.09
N TYR A 125 3.57 -7.79 23.95
CA TYR A 125 4.51 -8.71 24.61
C TYR A 125 5.09 -9.71 23.62
N SER A 126 4.38 -9.94 22.53
CA SER A 126 4.78 -10.94 21.54
C SER A 126 5.88 -10.42 20.62
N PHE A 127 6.01 -9.10 20.52
CA PHE A 127 6.95 -8.50 19.59
C PHE A 127 8.36 -8.43 20.17
N GLU A 128 8.61 -9.26 21.17
CA GLU A 128 9.95 -9.47 21.70
C GLU A 128 10.88 -9.96 20.58
N SER A 129 10.34 -10.81 19.71
CA SER A 129 11.05 -11.27 18.53
C SER A 129 10.07 -11.59 17.42
N TYR A 130 10.57 -11.79 16.20
CA TYR A 130 9.71 -12.05 15.06
C TYR A 130 8.94 -13.36 15.21
N GLU A 131 9.63 -14.40 15.68
CA GLU A 131 9.04 -15.72 15.79
C GLU A 131 7.88 -15.71 16.78
N GLN A 132 8.07 -15.00 17.89
CA GLN A 132 7.04 -14.87 18.91
C GLN A 132 5.85 -14.07 18.39
N ALA A 133 6.12 -12.97 17.70
CA ALA A 133 5.06 -12.14 17.12
C ALA A 133 4.27 -12.92 16.08
N ASP A 134 4.98 -13.62 15.20
CA ASP A 134 4.34 -14.47 14.21
C ASP A 134 3.51 -15.57 14.87
N MET A 135 4.04 -16.16 15.94
CA MET A 135 3.35 -17.24 16.64
C MET A 135 2.05 -16.76 17.30
N MET A 136 2.08 -15.58 17.91
CA MET A 136 0.87 -15.06 18.54
C MET A 136 -0.16 -14.68 17.48
N LEU A 137 0.30 -14.06 16.41
CA LEU A 137 -0.56 -13.72 15.29
C LEU A 137 -1.19 -14.98 14.70
N ARG A 138 -0.40 -16.05 14.64
CA ARG A 138 -0.89 -17.32 14.10
C ARG A 138 -1.96 -17.93 15.01
N ASN A 139 -1.70 -17.95 16.31
CA ASN A 139 -2.65 -18.49 17.27
C ASN A 139 -3.92 -17.65 17.33
N ALA A 140 -3.79 -16.37 17.01
CA ALA A 140 -4.92 -15.44 17.07
C ALA A 140 -5.78 -15.49 15.81
N CYS A 141 -5.17 -15.77 14.66
CA CYS A 141 -5.85 -15.57 13.39
C CYS A 141 -6.06 -16.81 12.52
N GLU A 142 -5.19 -17.80 12.64
CA GLU A 142 -5.21 -18.92 11.69
C GLU A 142 -6.50 -19.74 11.77
N ARG A 143 -7.04 -19.92 12.96
CA ARG A 143 -8.26 -20.70 13.14
C ARG A 143 -9.52 -19.84 13.19
N LEU A 144 -9.39 -18.57 12.82
CA LEU A 144 -10.57 -17.71 12.68
C LEU A 144 -11.44 -18.20 11.54
N SER A 145 -12.74 -18.35 11.80
CA SER A 145 -13.69 -18.63 10.75
C SER A 145 -13.65 -17.51 9.72
N PRO A 146 -13.87 -17.85 8.45
CA PRO A 146 -13.87 -16.80 7.41
C PRO A 146 -14.93 -15.74 7.73
N GLY A 147 -14.51 -14.47 7.79
CA GLY A 147 -15.39 -13.40 8.21
C GLY A 147 -15.22 -13.05 9.68
N GLY A 148 -14.51 -13.91 10.41
CA GLY A 148 -14.24 -13.67 11.81
C GLY A 148 -13.31 -12.48 12.02
N TYR A 149 -13.08 -12.10 13.27
CA TYR A 149 -12.28 -10.91 13.53
C TYR A 149 -11.17 -11.11 14.55
N PHE A 150 -10.11 -10.33 14.39
CA PHE A 150 -9.02 -10.23 15.35
C PHE A 150 -9.04 -8.83 15.94
N ILE A 151 -9.55 -8.71 17.17
CA ILE A 151 -9.72 -7.41 17.79
C ILE A 151 -8.88 -7.30 19.05
N GLY A 152 -8.41 -6.09 19.34
CA GLY A 152 -7.62 -5.89 20.54
C GLY A 152 -7.22 -4.46 20.80
N THR A 153 -6.33 -4.30 21.76
CA THR A 153 -5.87 -3.00 22.21
C THR A 153 -4.39 -3.10 22.56
N THR A 154 -3.63 -2.10 22.16
CA THR A 154 -2.18 -2.12 22.34
C THR A 154 -1.64 -0.71 22.24
N PRO A 155 -0.51 -0.44 22.91
CA PRO A 155 0.05 0.92 22.91
C PRO A 155 0.35 1.43 21.51
N ASN A 156 0.12 2.73 21.31
CA ASN A 156 0.40 3.38 20.04
C ASN A 156 1.85 3.83 19.98
N SER A 157 2.66 3.12 19.21
CA SER A 157 4.09 3.40 19.12
C SER A 157 4.36 4.82 18.64
N PHE A 158 3.45 5.34 17.81
CA PHE A 158 3.56 6.72 17.34
C PHE A 158 3.54 7.69 18.52
N GLU A 159 2.62 7.46 19.44
CA GLU A 159 2.50 8.29 20.64
C GLU A 159 3.66 8.05 21.61
N LEU A 160 4.08 6.79 21.71
CA LEU A 160 5.19 6.42 22.58
C LEU A 160 6.49 7.08 22.14
N ILE A 161 6.79 7.01 20.85
CA ILE A 161 8.02 7.58 20.32
C ILE A 161 7.94 9.11 20.35
N ARG A 162 6.75 9.64 20.08
CA ARG A 162 6.50 11.07 20.15
C ARG A 162 6.90 11.66 21.50
N ARG A 163 6.47 11.00 22.58
CA ARG A 163 6.74 11.48 23.93
C ARG A 163 8.20 11.21 24.33
N LEU A 164 8.72 10.06 23.93
CA LEU A 164 10.11 9.71 24.18
C LEU A 164 11.07 10.75 23.63
N GLU A 165 10.91 11.10 22.36
CA GLU A 165 11.82 12.01 21.69
C GLU A 165 11.61 13.45 22.14
N ALA A 166 10.41 13.74 22.63
CA ALA A 166 10.11 15.07 23.17
C ALA A 166 10.65 15.24 24.59
N SER A 167 10.90 14.11 25.26
CA SER A 167 11.42 14.14 26.63
C SER A 167 12.90 14.50 26.68
N GLU A 168 13.32 15.07 27.80
CA GLU A 168 14.72 15.47 27.99
C GLU A 168 15.59 14.24 28.21
N THR A 169 14.99 13.18 28.74
CA THR A 169 15.71 11.95 29.03
C THR A 169 15.11 10.79 28.24
N GLU A 170 15.34 9.57 28.72
CA GLU A 170 14.77 8.39 28.10
C GLU A 170 13.51 7.96 28.84
N SER A 171 13.03 8.85 29.73
CA SER A 171 11.84 8.59 30.53
C SER A 171 10.76 9.63 30.28
N PHE A 172 9.51 9.24 30.52
CA PHE A 172 8.39 10.18 30.51
C PHE A 172 7.20 9.57 31.24
N GLY A 173 6.36 10.42 31.81
CA GLY A 173 5.20 9.97 32.54
C GLY A 173 4.78 10.96 33.61
N ASN A 174 4.04 10.47 34.60
CA ASN A 174 3.52 11.32 35.67
C ASN A 174 3.27 10.53 36.94
N GLU A 175 2.35 11.01 37.77
CA GLU A 175 2.04 10.35 39.04
C GLU A 175 1.39 8.98 38.82
N ILE A 176 0.97 8.72 37.59
CA ILE A 176 0.15 7.54 37.32
C ILE A 176 0.88 6.48 36.48
N TYR A 177 1.71 6.89 35.53
CA TYR A 177 2.43 5.93 34.70
C TYR A 177 3.88 6.33 34.49
N THR A 178 4.70 5.35 34.11
CA THR A 178 6.09 5.60 33.76
C THR A 178 6.55 4.71 32.61
N VAL A 179 7.16 5.32 31.60
CA VAL A 179 7.77 4.58 30.50
C VAL A 179 9.26 4.89 30.42
N LYS A 180 10.07 3.85 30.27
CA LYS A 180 11.52 4.03 30.21
C LYS A 180 12.16 3.22 29.09
N PHE A 181 12.61 3.92 28.04
CA PHE A 181 13.39 3.30 26.98
C PHE A 181 14.86 3.28 27.39
N GLN A 182 15.62 2.33 26.86
CA GLN A 182 17.05 2.30 27.13
C GLN A 182 17.76 3.31 26.24
N LYS A 183 17.13 3.64 25.11
CA LYS A 183 17.78 4.44 24.08
C LYS A 183 16.78 5.01 23.07
N LYS A 184 17.02 6.25 22.63
CA LYS A 184 16.17 6.88 21.62
C LYS A 184 16.89 6.93 20.28
N GLY A 185 16.15 7.11 19.20
CA GLY A 185 16.73 7.18 17.88
C GLY A 185 16.86 5.81 17.23
N ASP A 186 17.02 4.77 18.04
CA ASP A 186 17.10 3.41 17.52
C ASP A 186 15.90 2.59 18.00
N TYR A 187 15.09 2.14 17.06
CA TYR A 187 13.86 1.40 17.37
C TYR A 187 13.71 0.18 16.48
N PRO A 188 14.21 -0.98 16.92
CA PRO A 188 14.15 -2.20 16.11
C PRO A 188 12.73 -2.70 15.88
N LEU A 189 12.52 -3.42 14.78
CA LEU A 189 11.20 -3.93 14.41
C LEU A 189 10.69 -4.91 15.47
N PHE A 190 11.63 -5.58 16.13
CA PHE A 190 11.29 -6.52 17.19
C PHE A 190 12.31 -6.38 18.31
N GLY A 191 11.86 -6.56 19.54
CA GLY A 191 12.74 -6.45 20.69
C GLY A 191 13.03 -5.02 21.11
N CYS A 192 12.24 -4.07 20.62
CA CYS A 192 12.37 -2.70 21.10
C CYS A 192 11.72 -2.62 22.47
N LYS A 193 12.56 -2.71 23.51
CA LYS A 193 12.09 -2.86 24.87
C LYS A 193 11.92 -1.53 25.59
N TYR A 194 10.79 -1.38 26.28
CA TYR A 194 10.62 -0.28 27.21
C TYR A 194 9.96 -0.76 28.50
N ASP A 195 10.28 -0.09 29.61
CA ASP A 195 9.66 -0.40 30.89
C ASP A 195 8.35 0.35 31.03
N PHE A 196 7.32 -0.33 31.52
CA PHE A 196 6.03 0.33 31.70
C PHE A 196 5.49 0.08 33.09
N ASN A 197 5.21 1.18 33.79
CA ASN A 197 4.67 1.12 35.14
C ASN A 197 3.43 1.99 35.18
N LEU A 198 2.31 1.36 35.51
CA LEU A 198 1.04 2.06 35.71
C LEU A 198 0.53 1.92 37.13
N GLU A 199 0.84 2.90 37.98
CA GLU A 199 0.46 2.89 39.40
C GLU A 199 -0.94 2.31 39.59
N GLY A 200 -0.97 1.01 39.88
CA GLY A 200 -2.20 0.27 40.09
C GLY A 200 -2.51 -0.90 39.17
N VAL A 201 -1.80 -1.03 38.06
CA VAL A 201 -2.07 -2.16 37.16
C VAL A 201 -0.80 -2.96 36.80
N VAL A 202 0.17 -2.29 36.20
CA VAL A 202 1.38 -2.97 35.73
C VAL A 202 2.68 -2.36 36.19
N ASP A 203 3.72 -3.20 36.24
CA ASP A 203 5.10 -2.75 36.16
C ASP A 203 5.89 -3.81 35.39
N VAL A 204 5.73 -3.85 34.07
CA VAL A 204 6.15 -4.99 33.29
C VAL A 204 6.72 -4.54 31.94
N PRO A 205 7.97 -4.92 31.65
CA PRO A 205 8.62 -4.60 30.38
C PRO A 205 7.71 -4.89 29.18
N GLU A 206 7.71 -3.99 28.20
CA GLU A 206 6.91 -4.15 27.01
C GLU A 206 7.74 -3.92 25.75
N PHE A 207 7.16 -4.23 24.60
CA PHE A 207 7.87 -4.08 23.33
C PHE A 207 7.12 -3.15 22.38
N LEU A 208 7.87 -2.35 21.64
CA LEU A 208 7.30 -1.41 20.68
C LEU A 208 6.60 -2.15 19.56
N VAL A 209 5.39 -1.72 19.22
CA VAL A 209 4.64 -2.32 18.13
C VAL A 209 4.38 -1.30 17.04
N TYR A 210 5.11 -1.41 15.94
CA TYR A 210 4.96 -0.52 14.80
C TYR A 210 3.82 -1.04 13.95
N PHE A 211 2.68 -0.35 13.99
CA PHE A 211 1.43 -0.92 13.47
C PHE A 211 1.47 -1.31 11.99
N PRO A 212 2.14 -0.50 11.15
CA PRO A 212 2.33 -0.93 9.77
C PRO A 212 2.97 -2.32 9.69
N LEU A 213 3.85 -2.63 10.63
CA LEU A 213 4.48 -3.94 10.69
C LEU A 213 3.47 -5.02 11.08
N LEU A 214 2.69 -4.76 12.12
CA LEU A 214 1.65 -5.69 12.56
C LEU A 214 0.66 -5.93 11.44
N ASN A 215 0.34 -4.86 10.70
CA ASN A 215 -0.54 -4.94 9.56
C ASN A 215 0.01 -5.89 8.49
N GLU A 216 1.29 -5.76 8.19
CA GLU A 216 1.95 -6.61 7.21
C GLU A 216 1.99 -8.06 7.67
N MET A 217 2.40 -8.29 8.91
CA MET A 217 2.53 -9.63 9.45
C MET A 217 1.19 -10.36 9.45
N ALA A 218 0.11 -9.62 9.70
CA ALA A 218 -1.23 -10.20 9.78
C ALA A 218 -1.72 -10.72 8.42
N LYS A 219 -1.21 -10.13 7.34
CA LYS A 219 -1.58 -10.56 5.99
C LYS A 219 -1.25 -12.04 5.76
N LYS A 220 -0.28 -12.55 6.52
CA LYS A 220 0.16 -13.94 6.40
C LYS A 220 -0.97 -14.93 6.66
N TYR A 221 -1.97 -14.52 7.41
CA TYR A 221 -3.07 -15.40 7.77
C TYR A 221 -4.40 -14.90 7.18
N ASN A 222 -4.29 -14.31 5.98
CA ASN A 222 -5.45 -13.84 5.23
C ASN A 222 -6.29 -12.85 6.03
N MET A 223 -5.63 -11.88 6.65
CA MET A 223 -6.31 -10.86 7.42
C MET A 223 -6.19 -9.49 6.76
N LYS A 224 -7.32 -8.81 6.64
CA LYS A 224 -7.34 -7.42 6.20
C LYS A 224 -7.70 -6.51 7.35
N LEU A 225 -7.13 -5.31 7.37
CA LEU A 225 -7.44 -4.33 8.41
C LEU A 225 -8.88 -3.84 8.31
N VAL A 226 -9.60 -3.91 9.42
CA VAL A 226 -10.93 -3.32 9.51
C VAL A 226 -10.81 -1.85 9.87
N TYR A 227 -10.11 -1.56 10.97
CA TYR A 227 -9.74 -0.20 11.32
C TYR A 227 -8.75 -0.18 12.47
N LYS A 228 -8.02 0.93 12.58
CA LYS A 228 -7.18 1.20 13.73
C LYS A 228 -7.44 2.61 14.25
N LYS A 229 -7.67 2.73 15.56
CA LYS A 229 -8.05 4.01 16.14
C LYS A 229 -7.30 4.30 17.44
N THR A 230 -7.00 5.58 17.67
CA THR A 230 -6.52 6.01 18.97
C THR A 230 -7.68 5.92 19.94
N PHE A 231 -7.41 5.87 21.24
CA PHE A 231 -8.47 5.75 22.24
C PHE A 231 -9.45 6.92 22.18
N LEU A 232 -8.93 8.12 21.91
CA LEU A 232 -9.80 9.30 21.79
C LEU A 232 -10.72 9.19 20.59
N GLU A 233 -10.16 8.77 19.45
CA GLU A 233 -10.94 8.63 18.22
C GLU A 233 -12.06 7.61 18.38
N PHE A 234 -11.73 6.46 18.96
CA PHE A 234 -12.70 5.39 19.16
C PHE A 234 -13.82 5.88 20.08
N TYR A 235 -13.42 6.57 21.14
CA TYR A 235 -14.38 7.18 22.06
C TYR A 235 -15.30 8.16 21.33
N GLU A 236 -14.71 9.05 20.53
CA GLU A 236 -15.47 10.10 19.86
C GLU A 236 -16.53 9.52 18.94
N GLU A 237 -16.25 8.35 18.37
CA GLU A 237 -17.21 7.67 17.52
C GLU A 237 -18.29 6.96 18.32
N LYS A 238 -17.88 6.27 19.37
CA LYS A 238 -18.76 5.37 20.09
C LYS A 238 -19.74 6.10 21.01
N ILE A 239 -19.32 7.26 21.53
CA ILE A 239 -20.20 8.05 22.37
C ILE A 239 -21.28 8.76 21.55
N LYS A 240 -21.18 8.66 20.22
CA LYS A 240 -22.21 9.21 19.35
C LYS A 240 -23.47 8.35 19.40
N ASN A 241 -23.40 7.24 20.11
CA ASN A 241 -24.52 6.31 20.28
C ASN A 241 -24.99 6.29 21.73
N ASN A 242 -26.25 6.64 21.97
CA ASN A 242 -26.74 6.85 23.33
C ASN A 242 -26.70 5.61 24.20
N GLU A 243 -26.81 4.43 23.59
CA GLU A 243 -26.65 3.19 24.32
C GLU A 243 -25.24 3.07 24.89
N ASN A 244 -24.25 3.41 24.07
CA ASN A 244 -22.87 3.47 24.54
C ASN A 244 -22.67 4.55 25.60
N LYS A 245 -23.38 5.66 25.45
CA LYS A 245 -23.26 6.79 26.38
C LYS A 245 -23.88 6.46 27.73
N MET A 246 -25.08 5.90 27.72
CA MET A 246 -25.73 5.44 28.94
C MET A 246 -24.84 4.43 29.66
N LEU A 247 -24.21 3.56 28.88
CA LEU A 247 -23.30 2.56 29.43
C LEU A 247 -22.10 3.23 30.09
N LEU A 248 -21.55 4.24 29.43
CA LEU A 248 -20.45 5.02 29.99
C LEU A 248 -20.76 5.50 31.40
N LYS A 249 -21.99 5.96 31.61
CA LYS A 249 -22.41 6.48 32.91
C LYS A 249 -22.59 5.34 33.90
N ARG A 250 -23.29 4.28 33.47
CA ARG A 250 -23.58 3.16 34.35
C ARG A 250 -22.31 2.47 34.81
N MET A 251 -21.27 2.51 33.98
CA MET A 251 -20.00 1.89 34.32
C MET A 251 -19.12 2.87 35.07
N GLN A 252 -19.63 4.09 35.27
CA GLN A 252 -18.90 5.14 35.96
C GLN A 252 -17.51 5.33 35.35
N ALA A 253 -17.46 5.44 34.02
CA ALA A 253 -16.21 5.49 33.28
C ALA A 253 -15.66 6.91 33.16
N LEU A 254 -16.43 7.89 33.64
CA LEU A 254 -15.95 9.26 33.74
C LEU A 254 -16.21 9.79 35.14
N GLU A 255 -15.43 10.78 35.56
CA GLU A 255 -15.56 11.34 36.89
C GLU A 255 -16.40 12.60 36.88
N PRO A 256 -17.36 12.68 37.76
CA PRO A 256 -18.22 13.85 37.80
C PRO A 256 -17.49 15.08 38.24
N TYR A 257 -17.75 16.17 37.57
CA TYR A 257 -17.09 17.41 37.76
C TYR A 257 -18.10 18.51 37.56
N PRO A 258 -18.11 19.52 38.42
CA PRO A 258 -17.19 19.57 39.56
C PRO A 258 -17.70 18.71 40.70
N ALA A 259 -16.85 18.52 41.69
CA ALA A 259 -17.16 17.71 42.85
C ALA A 259 -18.20 18.32 43.81
N ASN A 260 -18.85 17.49 44.58
CA ASN A 260 -19.70 17.96 45.66
C ASN A 260 -18.83 18.62 46.77
N GLU A 261 -19.39 19.53 47.53
CA GLU A 261 -18.61 20.22 48.56
C GLU A 261 -18.13 19.19 49.57
N SER A 262 -18.94 18.15 49.69
CA SER A 262 -18.70 17.02 50.55
C SER A 262 -17.93 15.87 49.92
N SER A 263 -17.71 15.90 48.61
CA SER A 263 -16.89 14.89 48.03
C SER A 263 -15.65 15.49 47.54
N LYS A 264 -14.88 14.64 47.00
CA LYS A 264 -13.55 15.05 46.56
C LYS A 264 -13.31 14.64 45.11
N LEU A 265 -12.56 15.46 44.38
CA LEU A 265 -12.07 15.02 43.08
C LEU A 265 -11.05 13.92 43.35
N VAL A 266 -10.76 13.11 42.34
CA VAL A 266 -9.89 11.97 42.55
C VAL A 266 -8.44 12.43 42.54
N SER A 267 -8.17 13.54 41.86
CA SER A 267 -6.83 14.08 41.77
C SER A 267 -6.63 15.27 42.69
N GLU A 268 -5.50 15.28 43.38
CA GLU A 268 -5.12 16.38 44.25
C GLU A 268 -4.23 17.33 43.45
N LYS A 269 -3.71 16.83 42.35
CA LYS A 269 -2.83 17.58 41.47
C LYS A 269 -3.50 18.90 41.08
N VAL A 270 -2.70 19.97 41.09
CA VAL A 270 -3.20 21.34 40.95
C VAL A 270 -4.03 21.70 39.73
N ASP A 271 -3.60 21.30 38.54
CA ASP A 271 -4.31 21.68 37.33
C ASP A 271 -4.83 20.50 36.52
N ASP A 272 -5.05 19.39 37.19
CA ASP A 272 -5.52 18.20 36.57
C ASP A 272 -6.86 18.27 35.91
N TYR A 273 -7.64 19.28 36.19
CA TYR A 273 -8.97 19.44 35.62
C TYR A 273 -9.19 20.78 34.90
N GLU A 274 -8.10 21.43 34.50
CA GLU A 274 -8.20 22.74 33.82
C GLU A 274 -9.11 22.70 32.59
N HIS A 275 -9.00 21.62 31.83
CA HIS A 275 -9.83 21.45 30.63
C HIS A 275 -11.31 21.50 30.96
N ALA A 276 -11.68 20.91 32.09
CA ALA A 276 -13.06 20.91 32.54
C ALA A 276 -13.49 22.29 33.01
N ALA A 277 -12.61 22.96 33.75
CA ALA A 277 -12.87 24.31 34.24
C ALA A 277 -13.04 25.29 33.09
N LYS A 278 -12.12 25.23 32.12
CA LYS A 278 -12.18 26.08 30.93
C LYS A 278 -13.47 25.83 30.17
N TYR A 279 -13.86 24.56 30.09
CA TYR A 279 -15.05 24.16 29.35
C TYR A 279 -16.32 24.85 29.86
N MET A 280 -16.47 24.94 31.17
CA MET A 280 -17.71 25.50 31.72
C MET A 280 -17.59 27.02 31.88
N LYS A 281 -16.50 27.56 31.34
CA LYS A 281 -16.35 29.00 31.17
C LYS A 281 -16.99 29.43 29.84
N ASN A 282 -17.63 28.52 29.12
CA ASN A 282 -18.41 28.89 27.96
C ASN A 282 -19.89 28.61 28.16
N SER A 283 -20.68 29.13 27.24
CA SER A 283 -22.01 29.55 27.60
C SER A 283 -22.96 28.46 27.96
N GLN A 284 -23.47 28.65 29.16
CA GLN A 284 -23.51 27.68 30.14
C GLN A 284 -23.73 26.30 29.62
N VAL A 285 -22.76 25.55 30.00
CA VAL A 285 -22.79 24.11 30.25
C VAL A 285 -23.90 23.58 31.16
N ARG A 286 -24.48 22.45 30.76
CA ARG A 286 -25.42 21.73 31.62
C ARG A 286 -24.61 20.85 32.57
N LEU A 287 -24.66 21.17 33.85
CA LEU A 287 -23.83 20.51 34.86
C LEU A 287 -24.56 19.35 35.53
N PRO A 288 -23.81 18.45 36.17
CA PRO A 288 -22.35 18.43 36.23
C PRO A 288 -21.70 17.86 34.97
N LEU A 289 -20.38 17.99 34.87
CA LEU A 289 -19.62 17.38 33.78
C LEU A 289 -19.16 15.97 34.15
N GLY A 290 -18.93 15.15 33.13
CA GLY A 290 -18.20 13.91 33.31
C GLY A 290 -16.90 14.02 32.55
N THR A 291 -15.78 13.81 33.25
CA THR A 291 -14.48 13.85 32.60
C THR A 291 -13.44 12.96 33.28
N LEU A 292 -12.20 13.08 32.83
CA LEU A 292 -11.09 12.34 33.43
C LEU A 292 -9.98 13.32 33.80
N SER A 293 -9.27 13.03 34.88
CA SER A 293 -8.10 13.82 35.25
C SER A 293 -7.10 13.82 34.12
N LYS A 294 -6.43 14.94 33.90
CA LYS A 294 -5.43 15.05 32.85
C LYS A 294 -4.35 13.99 33.01
N SER A 295 -4.02 13.69 34.27
CA SER A 295 -3.03 12.66 34.59
C SER A 295 -3.45 11.29 34.09
N GLU A 296 -4.69 10.92 34.35
CA GLU A 296 -5.23 9.63 33.92
C GLU A 296 -5.34 9.52 32.40
N TRP A 297 -5.67 10.64 31.75
CA TRP A 297 -5.85 10.62 30.30
C TRP A 297 -4.52 10.45 29.58
N GLU A 298 -3.49 11.12 30.08
CA GLU A 298 -2.14 10.95 29.56
C GLU A 298 -1.75 9.48 29.51
N ALA A 299 -2.11 8.74 30.56
CA ALA A 299 -1.73 7.33 30.69
C ALA A 299 -2.50 6.41 29.75
N THR A 300 -3.76 6.72 29.47
CA THR A 300 -4.61 5.83 28.70
C THR A 300 -4.74 6.24 27.24
N SER A 301 -4.47 7.51 26.95
CA SER A 301 -4.53 8.00 25.58
C SER A 301 -3.39 7.42 24.75
N ILE A 302 -2.46 6.76 25.44
CA ILE A 302 -1.32 6.11 24.80
C ILE A 302 -1.76 4.91 23.96
N TYR A 303 -2.94 4.38 24.27
CA TYR A 303 -3.41 3.15 23.64
C TYR A 303 -4.17 3.38 22.35
N LEU A 304 -4.16 2.37 21.49
CA LEU A 304 -4.99 2.37 20.28
C LEU A 304 -5.84 1.11 20.26
N VAL A 305 -6.89 1.12 19.45
CA VAL A 305 -7.70 -0.07 19.24
C VAL A 305 -7.57 -0.52 17.80
N PHE A 306 -7.60 -1.83 17.57
CA PHE A 306 -7.50 -2.35 16.22
C PHE A 306 -8.45 -3.51 16.00
N ALA A 307 -8.80 -3.73 14.74
CA ALA A 307 -9.60 -4.88 14.36
C ALA A 307 -9.24 -5.32 12.94
N PHE A 308 -8.94 -6.61 12.80
CA PHE A 308 -8.66 -7.22 11.51
C PHE A 308 -9.79 -8.18 11.18
N GLU A 309 -10.01 -8.42 9.89
CA GLU A 309 -11.04 -9.38 9.49
C GLU A 309 -10.45 -10.51 8.66
N LYS A 310 -10.90 -11.73 8.94
CA LYS A 310 -10.47 -12.90 8.18
C LYS A 310 -11.21 -12.96 6.84
N GLN A 311 -10.45 -12.91 5.76
CA GLN A 311 -11.01 -12.89 4.41
C GLN A 311 -11.70 -14.20 4.04
N GLN A 312 -12.46 -14.19 2.95
CA GLN A 312 -13.23 -15.35 2.52
C GLN A 312 -12.39 -16.26 1.63
N SER B 3 6.74 -7.21 -41.46
CA SER B 3 7.82 -7.19 -42.44
C SER B 3 8.05 -5.78 -42.97
N ARG B 4 6.97 -5.15 -43.42
CA ARG B 4 6.98 -3.71 -43.70
C ARG B 4 7.33 -2.93 -42.44
N ILE B 5 6.99 -3.52 -41.30
CA ILE B 5 7.14 -2.87 -40.01
C ILE B 5 8.25 -3.53 -39.19
N PHE B 6 8.99 -4.41 -39.86
CA PHE B 6 10.09 -5.17 -39.25
C PHE B 6 11.01 -4.36 -38.33
N TYR B 7 11.46 -3.20 -38.80
CA TYR B 7 12.42 -2.41 -38.04
C TYR B 7 11.74 -1.56 -36.97
N LEU B 8 10.52 -1.11 -37.23
CA LEU B 8 9.72 -0.44 -36.22
C LEU B 8 9.59 -1.32 -34.98
N ARG B 9 9.33 -2.60 -35.19
CA ARG B 9 9.21 -3.56 -34.11
C ARG B 9 10.52 -3.70 -33.33
N ASN B 10 11.61 -3.92 -34.06
CA ASN B 10 12.92 -4.09 -33.44
C ASN B 10 13.33 -2.86 -32.64
N PHE B 11 13.07 -1.68 -33.19
CA PHE B 11 13.39 -0.41 -32.55
C PHE B 11 12.65 -0.23 -31.22
N ASN B 12 11.35 -0.48 -31.23
CA ASN B 12 10.54 -0.39 -30.01
C ASN B 12 11.05 -1.33 -28.91
N ASN B 13 11.49 -2.51 -29.32
CA ASN B 13 12.09 -3.46 -28.38
C ASN B 13 13.44 -2.97 -27.86
N TRP B 14 14.19 -2.28 -28.71
CA TRP B 14 15.44 -1.68 -28.28
C TRP B 14 15.21 -0.61 -27.23
N MET B 15 14.20 0.22 -27.45
CA MET B 15 13.81 1.25 -26.50
C MET B 15 13.55 0.63 -25.13
N LYS B 16 12.76 -0.43 -25.11
CA LYS B 16 12.41 -1.14 -23.89
C LYS B 16 13.64 -1.78 -23.25
N SER B 17 14.48 -2.40 -24.08
CA SER B 17 15.71 -3.01 -23.61
C SER B 17 16.58 -1.99 -22.88
N VAL B 18 16.78 -0.84 -23.51
CA VAL B 18 17.63 0.20 -22.95
C VAL B 18 16.99 0.85 -21.73
N LEU B 19 15.68 1.05 -21.77
CA LEU B 19 14.94 1.59 -20.64
C LEU B 19 15.04 0.64 -19.44
N ILE B 20 14.72 -0.63 -19.68
CA ILE B 20 14.84 -1.67 -18.67
C ILE B 20 16.25 -1.74 -18.09
N GLY B 21 17.25 -1.71 -18.97
CA GLY B 21 18.63 -1.76 -18.56
C GLY B 21 19.04 -0.68 -17.57
N GLU B 22 18.64 0.57 -17.84
CA GLU B 22 19.05 1.70 -17.03
C GLU B 22 18.59 1.59 -15.58
N PHE B 23 17.32 1.24 -15.40
CA PHE B 23 16.73 1.21 -14.07
C PHE B 23 17.00 -0.12 -13.36
N LEU B 24 17.38 -1.14 -14.12
CA LEU B 24 17.90 -2.35 -13.52
C LEU B 24 19.23 -2.09 -12.83
N GLU B 25 20.10 -1.28 -13.45
CA GLU B 25 21.39 -0.94 -12.85
C GLU B 25 21.24 0.07 -11.70
N LYS B 26 20.28 0.98 -11.81
CA LYS B 26 20.03 1.92 -10.72
C LYS B 26 19.62 1.15 -9.48
N VAL B 27 18.66 0.24 -9.66
CA VAL B 27 18.20 -0.62 -8.59
C VAL B 27 19.34 -1.42 -7.97
N ARG B 28 20.17 -2.02 -8.81
CA ARG B 28 21.27 -2.84 -8.35
C ARG B 28 22.32 -2.03 -7.60
N GLN B 29 22.37 -0.74 -7.88
CA GLN B 29 23.27 0.15 -7.16
C GLN B 29 22.80 0.34 -5.72
N LYS B 30 21.50 0.27 -5.51
CA LYS B 30 20.96 0.39 -4.16
C LYS B 30 20.71 -0.99 -3.55
N LYS B 31 20.18 -1.90 -4.36
CA LYS B 31 19.66 -3.18 -3.88
C LYS B 31 20.67 -4.33 -4.06
N LYS B 32 21.23 -4.84 -2.97
CA LYS B 32 22.18 -5.95 -3.08
C LYS B 32 21.53 -7.29 -2.75
N ARG B 33 20.56 -7.69 -3.57
CA ARG B 33 19.84 -8.94 -3.37
C ARG B 33 19.07 -9.36 -4.61
N ASP B 34 18.07 -10.22 -4.43
CA ASP B 34 17.26 -10.71 -5.54
C ASP B 34 16.33 -9.63 -6.08
N ILE B 35 16.40 -9.38 -7.38
CA ILE B 35 15.54 -8.37 -7.99
C ILE B 35 14.16 -8.94 -8.30
N THR B 36 13.13 -8.26 -7.81
CA THR B 36 11.75 -8.67 -8.08
C THR B 36 11.09 -7.63 -8.98
N VAL B 37 10.35 -8.09 -9.99
CA VAL B 37 9.79 -7.19 -10.98
C VAL B 37 8.34 -7.51 -11.30
N LEU B 38 7.52 -6.48 -11.41
CA LEU B 38 6.15 -6.63 -11.88
C LEU B 38 6.06 -6.20 -13.34
N ASP B 39 5.74 -7.14 -14.21
CA ASP B 39 5.55 -6.85 -15.62
C ASP B 39 4.06 -6.72 -15.89
N LEU B 40 3.57 -5.49 -15.85
CA LEU B 40 2.14 -5.22 -15.87
C LEU B 40 1.65 -5.01 -17.29
N GLY B 41 0.77 -5.90 -17.75
CA GLY B 41 0.34 -5.91 -19.13
C GLY B 41 1.41 -6.59 -19.96
N CYS B 42 1.72 -7.83 -19.59
CA CYS B 42 2.87 -8.54 -20.12
C CYS B 42 2.71 -8.96 -21.57
N GLY B 43 1.46 -8.99 -22.03
CA GLY B 43 1.17 -9.44 -23.38
C GLY B 43 1.52 -10.91 -23.53
N LYS B 44 2.09 -11.28 -24.68
CA LYS B 44 2.47 -12.66 -24.93
C LYS B 44 3.91 -12.93 -24.50
N GLY B 45 4.51 -11.98 -23.79
CA GLY B 45 5.83 -12.19 -23.20
C GLY B 45 6.98 -11.64 -24.02
N GLY B 46 6.79 -10.47 -24.62
CA GLY B 46 7.81 -9.87 -25.45
C GLY B 46 9.04 -9.42 -24.67
N ASP B 47 8.92 -9.37 -23.35
CA ASP B 47 9.99 -8.85 -22.50
C ASP B 47 10.62 -9.94 -21.63
N LEU B 48 10.17 -11.19 -21.80
CA LEU B 48 10.73 -12.31 -21.05
C LEU B 48 12.25 -12.38 -21.21
N LEU B 49 12.71 -12.34 -22.45
CA LEU B 49 14.14 -12.42 -22.73
C LEU B 49 14.92 -11.25 -22.12
N LYS B 50 14.32 -10.06 -22.16
CA LYS B 50 14.95 -8.87 -21.61
C LYS B 50 15.24 -9.03 -20.12
N TRP B 51 14.26 -9.54 -19.39
CA TRP B 51 14.42 -9.74 -17.95
C TRP B 51 15.38 -10.88 -17.63
N LYS B 52 15.43 -11.87 -18.50
CA LYS B 52 16.40 -12.93 -18.31
C LYS B 52 17.81 -12.40 -18.49
N LYS B 53 18.00 -11.55 -19.49
CA LYS B 53 19.30 -10.95 -19.75
C LYS B 53 19.65 -10.01 -18.60
N GLY B 54 18.62 -9.38 -18.04
CA GLY B 54 18.82 -8.47 -16.92
C GLY B 54 19.13 -9.26 -15.67
N ARG B 55 18.99 -10.57 -15.76
CA ARG B 55 19.33 -11.48 -14.67
C ARG B 55 18.57 -11.14 -13.39
N ILE B 56 17.25 -10.98 -13.52
CA ILE B 56 16.40 -10.77 -12.35
C ILE B 56 16.04 -12.12 -11.74
N ASN B 57 15.56 -12.10 -10.50
CA ASN B 57 15.34 -13.34 -9.77
C ASN B 57 13.87 -13.79 -9.73
N LYS B 58 12.95 -12.84 -9.60
CA LYS B 58 11.54 -13.20 -9.70
C LYS B 58 10.75 -12.16 -10.50
N LEU B 59 9.86 -12.66 -11.34
CA LEU B 59 9.03 -11.82 -12.21
C LEU B 59 7.56 -12.19 -12.08
N VAL B 60 6.69 -11.18 -12.06
CA VAL B 60 5.26 -11.42 -12.08
C VAL B 60 4.65 -10.86 -13.35
N CYS B 61 4.14 -11.76 -14.20
CA CYS B 61 3.54 -11.37 -15.45
C CYS B 61 2.02 -11.37 -15.33
N THR B 62 1.41 -10.25 -15.69
CA THR B 62 -0.04 -10.11 -15.59
C THR B 62 -0.58 -9.38 -16.80
N ASP B 63 -1.78 -9.76 -17.21
CA ASP B 63 -2.42 -9.17 -18.38
C ASP B 63 -3.92 -9.43 -18.32
N ILE B 64 -4.69 -8.61 -19.02
CA ILE B 64 -6.14 -8.79 -19.04
C ILE B 64 -6.53 -9.95 -19.96
N ALA B 65 -5.71 -10.20 -20.98
CA ALA B 65 -6.01 -11.23 -21.97
C ALA B 65 -5.49 -12.60 -21.51
N ASP B 66 -6.41 -13.48 -21.15
CA ASP B 66 -6.06 -14.80 -20.62
C ASP B 66 -5.24 -15.62 -21.62
N VAL B 67 -5.56 -15.49 -22.90
CA VAL B 67 -4.85 -16.20 -23.94
C VAL B 67 -3.40 -15.72 -24.02
N SER B 68 -3.21 -14.42 -23.81
CA SER B 68 -1.88 -13.83 -23.83
C SER B 68 -1.03 -14.31 -22.65
N VAL B 69 -1.62 -14.26 -21.45
CA VAL B 69 -0.93 -14.67 -20.24
C VAL B 69 -0.41 -16.10 -20.34
N LYS B 70 -1.26 -17.02 -20.79
CA LYS B 70 -0.87 -18.42 -20.93
C LYS B 70 0.19 -18.61 -22.02
N GLN B 71 0.05 -17.91 -23.14
CA GLN B 71 1.08 -17.95 -24.18
C GLN B 71 2.39 -17.40 -23.62
N CYS B 72 2.28 -16.36 -22.80
CA CYS B 72 3.44 -15.82 -22.11
C CYS B 72 4.07 -16.89 -21.20
N GLN B 73 3.22 -17.61 -20.47
CA GLN B 73 3.68 -18.68 -19.59
C GLN B 73 4.35 -19.82 -20.38
N GLN B 74 3.73 -20.20 -21.48
CA GLN B 74 4.27 -21.25 -22.34
C GLN B 74 5.66 -20.90 -22.85
N ARG B 75 5.85 -19.65 -23.25
CA ARG B 75 7.14 -19.17 -23.70
C ARG B 75 8.19 -19.29 -22.60
N TYR B 76 7.79 -18.96 -21.38
CA TYR B 76 8.70 -18.98 -20.24
C TYR B 76 9.11 -20.40 -19.89
N GLU B 77 8.12 -21.29 -19.90
CA GLU B 77 8.36 -22.71 -19.69
C GLU B 77 9.38 -23.24 -20.69
N ASP B 78 9.22 -22.83 -21.95
CA ASP B 78 10.13 -23.24 -23.02
C ASP B 78 11.55 -22.75 -22.75
N MET B 79 11.65 -21.55 -22.19
CA MET B 79 12.95 -20.97 -21.85
C MET B 79 13.56 -21.73 -20.68
N LYS B 80 12.71 -22.10 -19.72
CA LYS B 80 13.14 -22.75 -18.49
C LYS B 80 13.56 -24.21 -18.65
N ASN B 81 12.86 -24.97 -19.48
CA ASN B 81 13.13 -26.40 -19.62
C ASN B 81 14.35 -26.66 -20.49
N ARG B 82 15.52 -26.34 -19.95
CA ARG B 82 16.78 -26.56 -20.62
C ARG B 82 17.30 -27.96 -20.26
N ARG B 83 18.38 -28.44 -20.88
CA ARG B 83 18.83 -29.80 -20.60
C ARG B 83 19.38 -29.81 -19.17
N ASP B 84 20.41 -29.02 -18.98
CA ASP B 84 20.89 -28.73 -17.67
C ASP B 84 21.14 -27.23 -17.63
N SER B 85 20.40 -26.49 -18.42
CA SER B 85 20.83 -25.15 -18.75
C SER B 85 20.35 -23.94 -17.93
N GLU B 86 20.50 -22.78 -18.55
CA GLU B 86 20.59 -21.51 -17.88
C GLU B 86 19.60 -21.30 -16.72
N TYR B 87 20.01 -20.50 -15.77
CA TYR B 87 19.10 -19.98 -14.77
C TYR B 87 18.15 -19.01 -15.41
N ILE B 88 16.93 -19.07 -14.98
CA ILE B 88 15.91 -18.11 -15.37
C ILE B 88 15.18 -17.72 -14.10
N PHE B 89 14.73 -16.47 -14.02
CA PHE B 89 13.97 -16.01 -12.88
C PHE B 89 12.81 -16.96 -12.61
N SER B 90 12.42 -17.09 -11.35
CA SER B 90 11.18 -17.77 -11.04
C SER B 90 10.06 -16.83 -11.45
N ALA B 91 8.92 -17.38 -11.85
CA ALA B 91 7.89 -16.54 -12.44
C ALA B 91 6.49 -16.95 -12.01
N GLU B 92 5.56 -16.03 -12.21
CA GLU B 92 4.20 -16.17 -11.73
C GLU B 92 3.31 -15.45 -12.73
N PHE B 93 2.20 -16.09 -13.10
CA PHE B 93 1.38 -15.57 -14.18
C PHE B 93 -0.07 -15.41 -13.77
N ILE B 94 -0.60 -14.22 -13.94
CA ILE B 94 -1.92 -13.88 -13.44
C ILE B 94 -2.76 -13.20 -14.51
N THR B 95 -3.89 -13.82 -14.85
CA THR B 95 -4.87 -13.16 -15.71
C THR B 95 -5.69 -12.20 -14.86
N ALA B 96 -5.72 -10.94 -15.26
CA ALA B 96 -6.35 -9.92 -14.43
C ALA B 96 -6.47 -8.56 -15.12
N ASP B 97 -7.57 -7.88 -14.86
CA ASP B 97 -7.74 -6.50 -15.26
C ASP B 97 -7.11 -5.61 -14.19
N SER B 98 -5.92 -5.09 -14.47
CA SER B 98 -5.18 -4.30 -13.48
C SER B 98 -5.74 -2.88 -13.35
N SER B 99 -6.88 -2.63 -13.99
CA SER B 99 -7.54 -1.33 -13.88
C SER B 99 -8.81 -1.43 -13.04
N LYS B 100 -9.21 -2.66 -12.70
CA LYS B 100 -10.41 -2.88 -11.90
C LYS B 100 -10.20 -3.89 -10.78
N GLU B 101 -9.03 -4.53 -10.75
CA GLU B 101 -8.76 -5.56 -9.75
C GLU B 101 -7.46 -5.29 -8.99
N LEU B 102 -7.47 -5.63 -7.70
CA LEU B 102 -6.30 -5.44 -6.86
C LEU B 102 -5.35 -6.61 -7.02
N LEU B 103 -4.16 -6.34 -7.57
CA LEU B 103 -3.18 -7.39 -7.82
C LEU B 103 -2.65 -8.02 -6.53
N ILE B 104 -2.60 -7.23 -5.45
CA ILE B 104 -2.07 -7.72 -4.18
C ILE B 104 -2.91 -8.88 -3.67
N ASP B 105 -4.18 -8.90 -4.04
CA ASP B 105 -5.08 -9.97 -3.66
C ASP B 105 -4.87 -11.21 -4.53
N LYS B 106 -4.11 -11.05 -5.61
CA LYS B 106 -3.90 -12.15 -6.56
C LYS B 106 -2.55 -12.85 -6.39
N PHE B 107 -1.60 -12.17 -5.75
CA PHE B 107 -0.26 -12.72 -5.61
C PHE B 107 -0.23 -13.94 -4.69
N ARG B 108 0.69 -14.86 -5.00
CA ARG B 108 0.96 -16.00 -4.11
C ARG B 108 1.44 -15.53 -2.74
N ASP B 109 2.32 -14.53 -2.73
CA ASP B 109 2.82 -13.97 -1.48
C ASP B 109 2.14 -12.64 -1.21
N PRO B 110 1.29 -12.58 -0.18
CA PRO B 110 0.53 -11.39 0.19
C PRO B 110 1.43 -10.20 0.56
N GLN B 111 2.66 -10.49 0.95
CA GLN B 111 3.58 -9.45 1.40
C GLN B 111 4.56 -9.08 0.29
N MET B 112 4.24 -9.50 -0.93
CA MET B 112 5.09 -9.26 -2.08
C MET B 112 5.43 -7.78 -2.29
N CYS B 113 6.71 -7.52 -2.55
CA CYS B 113 7.14 -6.19 -2.98
C CYS B 113 7.94 -6.31 -4.28
N PHE B 114 8.05 -5.20 -5.00
CA PHE B 114 8.81 -5.18 -6.25
C PHE B 114 9.82 -4.04 -6.25
N ASP B 115 10.91 -4.24 -7.00
CA ASP B 115 11.90 -3.20 -7.18
C ASP B 115 11.56 -2.39 -8.42
N ILE B 116 10.88 -3.04 -9.36
CA ILE B 116 10.49 -2.40 -10.61
C ILE B 116 9.13 -2.89 -11.09
N CYS B 117 8.26 -1.94 -11.45
CA CYS B 117 7.07 -2.26 -12.22
C CYS B 117 7.27 -1.77 -13.65
N SER B 118 7.18 -2.69 -14.60
CA SER B 118 7.37 -2.34 -15.99
C SER B 118 6.03 -2.36 -16.72
N CYS B 119 5.62 -1.18 -17.19
CA CYS B 119 4.33 -1.06 -17.86
C CYS B 119 4.54 -0.52 -19.28
N GLN B 120 4.80 -1.43 -20.20
CA GLN B 120 5.15 -1.06 -21.56
C GLN B 120 3.94 -1.07 -22.50
N PHE B 121 3.51 0.13 -22.91
CA PHE B 121 2.42 0.28 -23.85
C PHE B 121 1.07 -0.17 -23.28
N VAL B 122 0.83 0.09 -22.01
CA VAL B 122 -0.39 -0.38 -21.36
C VAL B 122 -1.17 0.72 -20.64
N CYS B 123 -0.44 1.64 -20.00
CA CYS B 123 -1.01 2.65 -19.12
C CYS B 123 -2.24 3.37 -19.67
N HIS B 124 -2.24 3.68 -20.96
CA HIS B 124 -3.26 4.55 -21.54
C HIS B 124 -4.63 3.88 -21.61
N TYR B 125 -4.68 2.56 -21.54
CA TYR B 125 -5.95 1.85 -21.49
C TYR B 125 -6.66 2.09 -20.16
N SER B 126 -5.88 2.47 -19.14
CA SER B 126 -6.41 2.63 -17.80
C SER B 126 -7.15 3.96 -17.62
N PHE B 127 -6.85 4.92 -18.50
CA PHE B 127 -7.42 6.26 -18.36
C PHE B 127 -8.80 6.34 -19.00
N GLU B 128 -9.44 5.18 -19.17
CA GLU B 128 -10.84 5.12 -19.57
C GLU B 128 -11.70 5.88 -18.57
N SER B 129 -11.34 5.76 -17.30
CA SER B 129 -11.98 6.50 -16.23
C SER B 129 -10.98 6.76 -15.10
N TYR B 130 -11.34 7.62 -14.16
CA TYR B 130 -10.42 7.97 -13.09
C TYR B 130 -10.10 6.78 -12.18
N GLU B 131 -11.11 6.00 -11.84
CA GLU B 131 -10.94 4.87 -10.94
C GLU B 131 -10.04 3.80 -11.54
N GLN B 132 -10.21 3.54 -12.83
CA GLN B 132 -9.38 2.56 -13.52
C GLN B 132 -7.92 3.03 -13.56
N ALA B 133 -7.74 4.31 -13.87
CA ALA B 133 -6.40 4.91 -13.89
C ALA B 133 -5.77 4.86 -12.51
N ASP B 134 -6.55 5.23 -11.50
CA ASP B 134 -6.11 5.15 -10.11
C ASP B 134 -5.78 3.72 -9.71
N MET B 135 -6.61 2.78 -10.14
CA MET B 135 -6.40 1.38 -9.80
C MET B 135 -5.12 0.81 -10.42
N MET B 136 -4.86 1.16 -11.67
CA MET B 136 -3.65 0.69 -12.33
C MET B 136 -2.40 1.32 -11.71
N LEU B 137 -2.48 2.61 -11.42
CA LEU B 137 -1.39 3.32 -10.74
C LEU B 137 -1.11 2.68 -9.38
N ARG B 138 -2.17 2.26 -8.70
CA ARG B 138 -2.02 1.61 -7.39
C ARG B 138 -1.32 0.26 -7.52
N ASN B 139 -1.76 -0.54 -8.48
CA ASN B 139 -1.18 -1.87 -8.69
C ASN B 139 0.28 -1.78 -9.14
N ALA B 140 0.64 -0.67 -9.77
CA ALA B 140 1.99 -0.49 -10.28
C ALA B 140 2.96 0.04 -9.22
N CYS B 141 2.45 0.81 -8.27
CA CYS B 141 3.34 1.57 -7.39
C CYS B 141 3.24 1.24 -5.90
N GLU B 142 2.06 0.82 -5.44
CA GLU B 142 1.86 0.71 -3.99
C GLU B 142 2.77 -0.34 -3.35
N ARG B 143 3.04 -1.42 -4.06
CA ARG B 143 3.89 -2.48 -3.51
C ARG B 143 5.34 -2.37 -3.98
N LEU B 144 5.69 -1.23 -4.58
CA LEU B 144 7.08 -0.96 -4.92
C LEU B 144 7.92 -0.80 -3.65
N SER B 145 9.05 -1.51 -3.60
CA SER B 145 10.00 -1.29 -2.53
C SER B 145 10.49 0.14 -2.58
N PRO B 146 10.79 0.74 -1.41
CA PRO B 146 11.29 2.11 -1.37
C PRO B 146 12.56 2.26 -2.18
N GLY B 147 12.56 3.20 -3.12
CA GLY B 147 13.67 3.34 -4.05
C GLY B 147 13.38 2.65 -5.37
N GLY B 148 12.32 1.85 -5.39
CA GLY B 148 11.91 1.15 -6.59
C GLY B 148 11.39 2.12 -7.65
N TYR B 149 11.11 1.60 -8.83
CA TYR B 149 10.71 2.46 -9.94
C TYR B 149 9.45 2.01 -10.67
N PHE B 150 8.74 2.98 -11.23
CA PHE B 150 7.62 2.72 -12.11
C PHE B 150 7.98 3.23 -13.50
N ILE B 151 8.34 2.31 -14.40
CA ILE B 151 8.82 2.68 -15.73
C ILE B 151 7.87 2.14 -16.79
N GLY B 152 7.74 2.88 -17.89
CA GLY B 152 6.88 2.44 -18.96
C GLY B 152 6.88 3.33 -20.19
N THR B 153 5.93 3.05 -21.07
CA THR B 153 5.82 3.74 -22.35
C THR B 153 4.36 3.93 -22.70
N THR B 154 4.04 5.11 -23.21
CA THR B 154 2.66 5.47 -23.51
C THR B 154 2.66 6.62 -24.49
N PRO B 155 1.59 6.73 -25.31
CA PRO B 155 1.54 7.78 -26.34
C PRO B 155 1.66 9.18 -25.74
N ASN B 156 2.35 10.06 -26.46
CA ASN B 156 2.51 11.45 -26.03
C ASN B 156 1.33 12.30 -26.46
N SER B 157 0.49 12.65 -25.50
CA SER B 157 -0.74 13.39 -25.80
C SER B 157 -0.46 14.74 -26.47
N PHE B 158 0.69 15.34 -26.12
CA PHE B 158 1.11 16.58 -26.79
C PHE B 158 1.25 16.35 -28.29
N GLU B 159 1.90 15.24 -28.65
CA GLU B 159 2.10 14.89 -30.04
C GLU B 159 0.78 14.47 -30.70
N LEU B 160 -0.04 13.76 -29.95
CA LEU B 160 -1.34 13.31 -30.46
C LEU B 160 -2.25 14.47 -30.80
N ILE B 161 -2.37 15.43 -29.87
CA ILE B 161 -3.25 16.57 -30.06
C ILE B 161 -2.69 17.52 -31.11
N ARG B 162 -1.37 17.67 -31.13
CA ARG B 162 -0.70 18.49 -32.14
C ARG B 162 -1.11 18.06 -33.55
N ARG B 163 -1.10 16.75 -33.78
CA ARG B 163 -1.43 16.21 -35.10
C ARG B 163 -2.94 16.24 -35.36
N LEU B 164 -3.72 15.93 -34.32
CA LEU B 164 -5.17 15.98 -34.43
C LEU B 164 -5.65 17.36 -34.88
N GLU B 165 -5.19 18.39 -34.19
CA GLU B 165 -5.62 19.76 -34.46
C GLU B 165 -4.98 20.32 -35.72
N ALA B 166 -3.84 19.75 -36.11
CA ALA B 166 -3.17 20.16 -37.35
C ALA B 166 -3.85 19.55 -38.55
N SER B 167 -4.59 18.46 -38.31
CA SER B 167 -5.34 17.80 -39.37
C SER B 167 -6.62 18.57 -39.71
N GLU B 168 -7.09 18.42 -40.94
CA GLU B 168 -8.32 19.07 -41.39
C GLU B 168 -9.53 18.39 -40.78
N THR B 169 -9.38 17.10 -40.46
CA THR B 169 -10.47 16.30 -39.93
C THR B 169 -10.13 15.77 -38.54
N GLU B 170 -10.82 14.71 -38.13
CA GLU B 170 -10.56 14.08 -36.83
C GLU B 170 -9.64 12.88 -36.99
N SER B 171 -9.07 12.72 -38.17
CA SER B 171 -8.18 11.59 -38.45
C SER B 171 -6.79 12.06 -38.89
N PHE B 172 -5.79 11.21 -38.65
CA PHE B 172 -4.45 11.44 -39.16
C PHE B 172 -3.65 10.15 -39.11
N GLY B 173 -2.65 10.05 -39.98
CA GLY B 173 -1.83 8.85 -40.05
C GLY B 173 -1.24 8.66 -41.42
N ASN B 174 -0.85 7.44 -41.73
CA ASN B 174 -0.23 7.14 -43.02
C ASN B 174 -0.45 5.69 -43.43
N GLU B 175 0.45 5.18 -44.25
CA GLU B 175 0.34 3.81 -44.75
C GLU B 175 0.56 2.80 -43.63
N ILE B 176 1.04 3.28 -42.49
CA ILE B 176 1.47 2.38 -41.42
C ILE B 176 0.57 2.44 -40.17
N TYR B 177 0.07 3.62 -39.83
CA TYR B 177 -0.78 3.76 -38.65
C TYR B 177 -1.98 4.68 -38.91
N THR B 178 -2.99 4.58 -38.05
CA THR B 178 -4.13 5.47 -38.11
C THR B 178 -4.65 5.84 -36.72
N VAL B 179 -4.85 7.13 -36.50
CA VAL B 179 -5.46 7.60 -35.25
C VAL B 179 -6.75 8.36 -35.54
N LYS B 180 -7.78 8.05 -34.77
CA LYS B 180 -9.09 8.67 -34.91
C LYS B 180 -9.69 9.06 -33.57
N PHE B 181 -9.77 10.36 -33.31
CA PHE B 181 -10.46 10.83 -32.12
C PHE B 181 -11.96 10.91 -32.36
N GLN B 182 -12.72 10.79 -31.29
CA GLN B 182 -14.17 10.87 -31.36
C GLN B 182 -14.62 12.31 -31.44
N LYS B 183 -13.75 13.22 -31.01
CA LYS B 183 -14.14 14.62 -30.86
C LYS B 183 -12.92 15.52 -30.81
N LYS B 184 -13.04 16.69 -31.44
CA LYS B 184 -11.97 17.66 -31.47
C LYS B 184 -12.28 18.83 -30.55
N GLY B 185 -11.25 19.54 -30.10
CA GLY B 185 -11.44 20.72 -29.27
C GLY B 185 -11.67 20.41 -27.80
N ASP B 186 -12.30 19.27 -27.53
CA ASP B 186 -12.58 18.84 -26.17
C ASP B 186 -11.85 17.55 -25.81
N TYR B 187 -11.01 17.62 -24.79
CA TYR B 187 -10.19 16.48 -24.39
C TYR B 187 -10.28 16.27 -22.88
N PRO B 188 -11.22 15.42 -22.44
CA PRO B 188 -11.46 15.19 -21.02
C PRO B 188 -10.27 14.50 -20.34
N LEU B 189 -10.12 14.73 -19.05
CA LEU B 189 -8.99 14.17 -18.30
C LEU B 189 -9.04 12.65 -18.32
N PHE B 190 -10.23 12.10 -18.44
CA PHE B 190 -10.43 10.66 -18.51
C PHE B 190 -11.51 10.33 -19.52
N GLY B 191 -11.36 9.20 -20.20
CA GLY B 191 -12.33 8.78 -21.19
C GLY B 191 -12.25 9.51 -22.52
N CYS B 192 -11.15 10.22 -22.76
CA CYS B 192 -10.92 10.80 -24.07
C CYS B 192 -10.49 9.70 -25.03
N LYS B 193 -11.46 9.18 -25.78
CA LYS B 193 -11.25 7.99 -26.58
C LYS B 193 -10.79 8.30 -28.01
N TYR B 194 -9.78 7.58 -28.47
CA TYR B 194 -9.43 7.59 -29.89
C TYR B 194 -9.15 6.18 -30.37
N ASP B 195 -9.38 5.94 -31.67
CA ASP B 195 -9.06 4.66 -32.28
C ASP B 195 -7.62 4.64 -32.75
N PHE B 196 -6.93 3.52 -32.50
CA PHE B 196 -5.55 3.40 -32.94
C PHE B 196 -5.32 2.10 -33.70
N ASN B 197 -4.81 2.24 -34.92
CA ASN B 197 -4.52 1.10 -35.79
C ASN B 197 -3.08 1.21 -36.28
N LEU B 198 -2.30 0.21 -35.96
CA LEU B 198 -0.97 0.12 -36.45
C LEU B 198 -0.90 -1.09 -37.37
N GLU B 199 -1.17 -0.86 -38.66
CA GLU B 199 -1.22 -1.91 -39.67
C GLU B 199 -0.04 -2.81 -39.47
N GLY B 200 -0.29 -3.85 -38.70
CA GLY B 200 0.63 -4.83 -38.24
C GLY B 200 0.58 -5.22 -36.76
N VAL B 201 0.13 -4.34 -35.89
CA VAL B 201 0.38 -4.48 -34.45
C VAL B 201 -0.87 -4.44 -33.59
N VAL B 202 -1.58 -3.32 -33.64
CA VAL B 202 -2.82 -3.09 -32.91
C VAL B 202 -3.89 -2.57 -33.83
N ASP B 203 -5.17 -2.78 -33.48
CA ASP B 203 -6.32 -1.98 -33.88
C ASP B 203 -7.30 -1.87 -32.71
N VAL B 204 -6.97 -1.02 -31.74
CA VAL B 204 -7.64 -1.05 -30.45
C VAL B 204 -7.81 0.37 -29.91
N PRO B 205 -9.05 0.77 -29.67
CA PRO B 205 -9.34 2.08 -29.08
C PRO B 205 -8.49 2.36 -27.85
N GLU B 206 -7.98 3.59 -27.74
CA GLU B 206 -7.15 3.96 -26.61
C GLU B 206 -7.65 5.25 -26.00
N PHE B 207 -7.07 5.62 -24.86
CA PHE B 207 -7.50 6.83 -24.15
C PHE B 207 -6.34 7.81 -23.99
N LEU B 208 -6.65 9.09 -24.12
CA LEU B 208 -5.64 10.14 -24.00
C LEU B 208 -5.09 10.23 -22.59
N VAL B 209 -3.77 10.34 -22.49
CA VAL B 209 -3.12 10.48 -21.19
C VAL B 209 -2.38 11.81 -21.09
N TYR B 210 -2.95 12.73 -20.34
CA TYR B 210 -2.34 14.05 -20.13
C TYR B 210 -1.30 13.91 -19.02
N PHE B 211 -0.03 13.94 -19.40
CA PHE B 211 1.03 13.51 -18.49
C PHE B 211 1.11 14.30 -17.18
N PRO B 212 0.86 15.62 -17.23
CA PRO B 212 0.77 16.38 -15.98
C PRO B 212 -0.25 15.74 -15.02
N LEU B 213 -1.31 15.17 -15.58
CA LEU B 213 -2.32 14.48 -14.77
C LEU B 213 -1.77 13.18 -14.18
N LEU B 214 -1.12 12.37 -15.01
CA LEU B 214 -0.51 11.13 -14.55
C LEU B 214 0.51 11.42 -13.47
N ASN B 215 1.25 12.51 -13.65
CA ASN B 215 2.24 12.95 -12.68
C ASN B 215 1.62 13.23 -11.32
N GLU B 216 0.51 13.97 -11.32
CA GLU B 216 -0.19 14.30 -10.08
C GLU B 216 -0.74 13.05 -9.41
N MET B 217 -1.41 12.21 -10.20
CA MET B 217 -2.04 11.00 -9.67
C MET B 217 -1.02 10.06 -9.03
N ALA B 218 0.19 10.03 -9.59
CA ALA B 218 1.24 9.14 -9.09
C ALA B 218 1.72 9.60 -7.71
N LYS B 219 1.61 10.91 -7.45
CA LYS B 219 1.99 11.47 -6.16
C LYS B 219 1.20 10.82 -5.02
N LYS B 220 0.03 10.28 -5.35
CA LYS B 220 -0.83 9.62 -4.38
C LYS B 220 -0.16 8.42 -3.72
N TYR B 221 0.80 7.81 -4.43
CA TYR B 221 1.47 6.63 -3.93
C TYR B 221 2.95 6.89 -3.68
N ASN B 222 3.24 8.11 -3.24
CA ASN B 222 4.59 8.52 -2.87
C ASN B 222 5.58 8.32 -4.01
N MET B 223 5.20 8.76 -5.20
CA MET B 223 6.05 8.66 -6.37
C MET B 223 6.49 10.03 -6.86
N LYS B 224 7.78 10.20 -7.08
CA LYS B 224 8.30 11.40 -7.72
C LYS B 224 8.77 11.08 -9.13
N LEU B 225 8.61 12.03 -10.04
CA LEU B 225 9.06 11.86 -11.42
C LEU B 225 10.57 11.78 -11.51
N VAL B 226 11.06 10.75 -12.19
CA VAL B 226 12.48 10.65 -12.51
C VAL B 226 12.73 11.44 -13.79
N TYR B 227 11.99 11.10 -14.84
CA TYR B 227 11.97 11.88 -16.07
C TYR B 227 10.88 11.37 -17.02
N LYS B 228 10.47 12.21 -17.96
CA LYS B 228 9.67 11.76 -19.09
C LYS B 228 10.32 12.32 -20.36
N LYS B 229 10.49 11.46 -21.35
CA LYS B 229 11.20 11.84 -22.56
C LYS B 229 10.44 11.37 -23.79
N THR B 230 10.50 12.13 -24.87
CA THR B 230 9.99 11.64 -26.14
C THR B 230 10.90 10.54 -26.64
N PHE B 231 10.42 9.71 -27.56
CA PHE B 231 11.20 8.59 -28.04
C PHE B 231 12.48 9.05 -28.72
N LEU B 232 12.43 10.20 -29.40
CA LEU B 232 13.63 10.75 -30.02
C LEU B 232 14.65 11.19 -28.98
N GLU B 233 14.16 11.87 -27.95
CA GLU B 233 15.02 12.37 -26.88
C GLU B 233 15.72 11.22 -26.15
N PHE B 234 14.96 10.19 -25.80
CA PHE B 234 15.48 9.04 -25.10
C PHE B 234 16.52 8.34 -25.97
N TYR B 235 16.19 8.17 -27.24
CA TYR B 235 17.12 7.58 -28.20
C TYR B 235 18.42 8.35 -28.28
N GLU B 236 18.31 9.68 -28.45
CA GLU B 236 19.48 10.53 -28.65
C GLU B 236 20.43 10.52 -27.43
N GLU B 237 19.87 10.31 -26.25
CA GLU B 237 20.70 10.22 -25.05
C GLU B 237 21.36 8.85 -24.94
N LYS B 238 20.59 7.79 -25.18
CA LYS B 238 21.05 6.42 -24.96
C LYS B 238 22.00 5.92 -26.04
N ILE B 239 21.89 6.46 -27.25
CA ILE B 239 22.79 6.09 -28.33
C ILE B 239 24.20 6.65 -28.13
N LYS B 240 24.36 7.50 -27.11
CA LYS B 240 25.66 8.00 -26.71
C LYS B 240 26.47 6.94 -25.98
N ASN B 241 25.84 5.79 -25.75
CA ASN B 241 26.49 4.69 -25.06
C ASN B 241 26.69 3.54 -26.04
N ASN B 242 27.96 3.19 -26.25
CA ASN B 242 28.32 2.30 -27.35
C ASN B 242 27.77 0.90 -27.17
N GLU B 243 27.58 0.48 -25.93
CA GLU B 243 26.91 -0.79 -25.64
C GLU B 243 25.46 -0.76 -26.12
N ASN B 244 24.76 0.33 -25.82
CA ASN B 244 23.41 0.54 -26.34
C ASN B 244 23.44 0.60 -27.86
N LYS B 245 24.52 1.17 -28.39
CA LYS B 245 24.69 1.32 -29.82
C LYS B 245 24.91 -0.04 -30.47
N MET B 246 25.79 -0.84 -29.88
CA MET B 246 26.01 -2.21 -30.31
C MET B 246 24.71 -3.00 -30.28
N LEU B 247 23.91 -2.77 -29.24
CA LEU B 247 22.61 -3.44 -29.10
C LEU B 247 21.66 -3.03 -30.23
N LEU B 248 21.62 -1.73 -30.52
CA LEU B 248 20.82 -1.21 -31.63
C LEU B 248 21.10 -1.96 -32.92
N LYS B 249 22.38 -2.21 -33.17
CA LYS B 249 22.80 -2.90 -34.37
C LYS B 249 22.42 -4.39 -34.35
N ARG B 250 22.74 -5.07 -33.26
CA ARG B 250 22.49 -6.50 -33.12
C ARG B 250 21.00 -6.83 -33.17
N MET B 251 20.18 -5.89 -32.71
CA MET B 251 18.73 -6.10 -32.70
C MET B 251 18.10 -5.68 -34.02
N GLN B 252 18.93 -5.19 -34.93
CA GLN B 252 18.49 -4.70 -36.23
C GLN B 252 17.35 -3.69 -36.07
N ALA B 253 17.56 -2.72 -35.18
CA ALA B 253 16.50 -1.77 -34.83
C ALA B 253 16.48 -0.61 -35.82
N LEU B 254 17.46 -0.58 -36.71
CA LEU B 254 17.47 0.37 -37.82
C LEU B 254 17.75 -0.39 -39.11
N GLU B 255 17.26 0.13 -40.25
CA GLU B 255 17.49 -0.53 -41.52
C GLU B 255 18.62 0.15 -42.29
N PRO B 256 19.52 -0.66 -42.86
CA PRO B 256 20.68 -0.17 -43.61
C PRO B 256 20.28 0.66 -44.83
N TYR B 257 20.89 1.80 -45.01
CA TYR B 257 20.61 2.62 -46.15
C TYR B 257 21.94 3.11 -46.64
N PRO B 258 22.20 3.09 -47.94
CA PRO B 258 21.32 2.46 -48.92
C PRO B 258 21.35 0.97 -48.68
N ALA B 259 20.21 0.33 -48.93
CA ALA B 259 20.05 -1.05 -48.61
C ALA B 259 19.92 -1.81 -49.87
N ASN B 260 20.95 -1.73 -50.69
CA ASN B 260 20.78 -2.26 -52.05
C ASN B 260 21.69 -3.42 -52.36
N GLU B 261 21.80 -4.35 -51.45
CA GLU B 261 22.83 -5.35 -51.58
C GLU B 261 22.22 -6.68 -52.10
N SER B 262 21.76 -6.68 -53.36
CA SER B 262 20.90 -7.76 -53.78
C SER B 262 19.57 -7.68 -53.02
N SER B 263 19.37 -6.54 -52.37
CA SER B 263 18.30 -6.36 -51.42
C SER B 263 17.40 -5.24 -51.76
N LYS B 264 16.33 -5.10 -51.01
CA LYS B 264 15.38 -4.03 -51.26
C LYS B 264 15.09 -3.28 -49.97
N LEU B 265 14.84 -1.97 -50.07
CA LEU B 265 14.38 -1.21 -48.92
C LEU B 265 13.00 -1.71 -48.52
N VAL B 266 12.61 -1.42 -47.28
CA VAL B 266 11.36 -1.94 -46.76
C VAL B 266 10.17 -1.11 -47.20
N SER B 267 10.39 0.17 -47.45
CA SER B 267 9.32 1.07 -47.84
C SER B 267 9.33 1.36 -49.34
N GLU B 268 8.15 1.31 -49.95
CA GLU B 268 7.99 1.62 -51.36
C GLU B 268 7.58 3.06 -51.57
N LYS B 269 7.06 3.68 -50.51
CA LYS B 269 6.62 5.07 -50.52
C LYS B 269 7.67 6.06 -51.01
N VAL B 270 7.25 6.98 -51.87
CA VAL B 270 8.12 8.00 -52.41
C VAL B 270 8.63 8.89 -51.27
N ASP B 271 9.92 9.22 -51.27
CA ASP B 271 10.52 10.10 -50.28
C ASP B 271 10.53 9.62 -48.83
N ASP B 272 10.32 8.35 -48.59
CA ASP B 272 10.37 7.83 -47.24
C ASP B 272 11.76 7.84 -46.65
N TYR B 273 12.79 8.04 -47.45
CA TYR B 273 14.18 8.07 -46.99
C TYR B 273 14.90 9.35 -47.36
N GLU B 274 14.12 10.41 -47.60
CA GLU B 274 14.67 11.71 -47.98
C GLU B 274 15.70 12.21 -46.97
N HIS B 275 15.44 12.01 -45.68
CA HIS B 275 16.36 12.41 -44.64
C HIS B 275 17.71 11.69 -44.78
N ALA B 276 17.67 10.42 -45.14
CA ALA B 276 18.88 9.63 -45.33
C ALA B 276 19.61 10.05 -46.60
N ALA B 277 18.85 10.28 -47.67
CA ALA B 277 19.42 10.72 -48.94
C ALA B 277 20.06 12.08 -48.79
N LYS B 278 19.35 13.01 -48.16
CA LYS B 278 19.85 14.35 -47.90
C LYS B 278 21.13 14.29 -47.06
N TYR B 279 21.13 13.42 -46.06
CA TYR B 279 22.26 13.29 -45.14
C TYR B 279 23.56 12.86 -45.82
N MET B 280 23.47 11.93 -46.77
CA MET B 280 24.66 11.38 -47.40
C MET B 280 25.11 12.18 -48.62
N LYS B 281 24.60 13.40 -48.76
CA LYS B 281 25.13 14.30 -49.78
C LYS B 281 26.47 14.83 -49.31
N ASN B 282 26.87 14.38 -48.13
CA ASN B 282 28.19 14.67 -47.62
C ASN B 282 29.01 13.41 -47.84
N SER B 283 30.17 13.58 -48.47
CA SER B 283 30.98 12.45 -48.89
C SER B 283 31.72 11.85 -47.72
N GLN B 284 31.77 12.59 -46.62
CA GLN B 284 32.51 12.16 -45.45
C GLN B 284 31.72 11.10 -44.68
N VAL B 285 30.46 10.92 -45.06
CA VAL B 285 29.59 10.01 -44.33
C VAL B 285 30.08 8.59 -44.54
N ARG B 286 30.18 7.83 -43.46
CA ARG B 286 30.55 6.43 -43.56
C ARG B 286 29.33 5.54 -43.81
N LEU B 287 29.30 4.93 -44.99
CA LEU B 287 28.15 4.14 -45.41
C LEU B 287 28.36 2.65 -45.12
N PRO B 288 27.26 1.88 -45.08
CA PRO B 288 25.91 2.42 -45.24
C PRO B 288 25.38 3.10 -43.99
N LEU B 289 24.23 3.76 -44.12
CA LEU B 289 23.55 4.37 -42.98
C LEU B 289 22.58 3.39 -42.33
N GLY B 290 22.28 3.63 -41.06
CA GLY B 290 21.16 2.99 -40.41
C GLY B 290 20.11 4.04 -40.10
N THR B 291 18.90 3.82 -40.58
CA THR B 291 17.79 4.73 -40.30
C THR B 291 16.45 4.01 -40.28
N LEU B 292 15.39 4.79 -40.16
CA LEU B 292 14.03 4.28 -40.21
C LEU B 292 13.27 5.06 -41.26
N SER B 293 12.34 4.39 -41.94
CA SER B 293 11.48 5.08 -42.88
C SER B 293 10.70 6.18 -42.15
N LYS B 294 10.49 7.29 -42.84
CA LYS B 294 9.71 8.40 -42.28
C LYS B 294 8.33 7.93 -41.86
N SER B 295 7.78 6.98 -42.62
CA SER B 295 6.48 6.41 -42.32
C SER B 295 6.50 5.70 -40.96
N GLU B 296 7.53 4.89 -40.74
CA GLU B 296 7.67 4.18 -39.47
C GLU B 296 7.96 5.13 -38.32
N TRP B 297 8.73 6.18 -38.59
CA TRP B 297 9.11 7.12 -37.54
C TRP B 297 7.93 7.98 -37.09
N GLU B 298 7.13 8.43 -38.06
CA GLU B 298 5.89 9.14 -37.76
C GLU B 298 5.04 8.35 -36.79
N ALA B 299 4.99 7.05 -37.01
CA ALA B 299 4.17 6.15 -36.21
C ALA B 299 4.72 5.92 -34.81
N THR B 300 6.05 5.92 -34.67
CA THR B 300 6.67 5.56 -33.39
C THR B 300 7.11 6.78 -32.57
N SER B 301 7.32 7.90 -33.23
CA SER B 301 7.72 9.13 -32.54
C SER B 301 6.57 9.65 -31.69
N ILE B 302 5.40 9.05 -31.87
CA ILE B 302 4.20 9.41 -31.11
C ILE B 302 4.34 9.06 -29.64
N TYR B 303 5.23 8.12 -29.34
CA TYR B 303 5.35 7.59 -27.99
C TYR B 303 6.34 8.37 -27.12
N LEU B 304 6.12 8.30 -25.81
CA LEU B 304 7.06 8.83 -24.85
C LEU B 304 7.47 7.74 -23.87
N VAL B 305 8.58 7.96 -23.17
CA VAL B 305 9.02 7.05 -22.12
C VAL B 305 8.97 7.78 -20.77
N PHE B 306 8.62 7.06 -19.71
CA PHE B 306 8.57 7.67 -18.39
C PHE B 306 9.11 6.77 -17.30
N ALA B 307 9.55 7.39 -16.21
CA ALA B 307 9.98 6.65 -15.03
C ALA B 307 9.72 7.46 -13.76
N PHE B 308 9.06 6.83 -12.80
CA PHE B 308 8.81 7.43 -11.49
C PHE B 308 9.62 6.69 -10.44
N GLU B 309 9.93 7.35 -9.34
CA GLU B 309 10.63 6.69 -8.24
C GLU B 309 9.82 6.72 -6.96
N LYS B 310 9.83 5.60 -6.24
CA LYS B 310 9.18 5.50 -4.96
C LYS B 310 10.05 6.17 -3.91
N GLN B 311 9.51 7.18 -3.23
CA GLN B 311 10.30 7.95 -2.28
C GLN B 311 10.76 7.11 -1.09
N GLN B 312 11.73 7.63 -0.35
CA GLN B 312 12.34 6.89 0.75
C GLN B 312 11.58 7.10 2.05
N ASP C 2 11.70 -18.95 6.58
CA ASP C 2 10.99 -18.63 7.82
C ASP C 2 11.39 -17.23 8.28
N THR C 3 12.24 -17.17 9.31
CA THR C 3 12.69 -15.90 9.86
C THR C 3 13.69 -15.21 8.92
N ALA C 4 14.57 -16.01 8.34
CA ALA C 4 15.69 -15.53 7.54
C ALA C 4 15.25 -14.66 6.36
N GLU C 5 14.04 -14.89 5.87
CA GLU C 5 13.53 -14.14 4.74
C GLU C 5 12.72 -12.93 5.18
N ALA C 6 11.90 -13.12 6.20
CA ALA C 6 10.91 -12.11 6.60
C ALA C 6 11.51 -10.88 7.27
N VAL C 7 12.46 -11.09 8.18
CA VAL C 7 13.02 -9.98 8.95
C VAL C 7 13.75 -8.94 8.11
N PRO C 8 14.69 -9.37 7.24
CA PRO C 8 15.36 -8.41 6.38
C PRO C 8 14.39 -7.77 5.39
N LYS C 9 13.36 -8.53 5.02
CA LYS C 9 12.29 -8.02 4.17
C LYS C 9 11.53 -6.86 4.83
N PHE C 10 11.29 -7.01 6.13
CA PHE C 10 10.60 -5.98 6.89
C PHE C 10 11.52 -4.80 7.19
N GLU C 11 12.81 -5.11 7.30
CA GLU C 11 13.82 -4.11 7.63
C GLU C 11 13.94 -3.07 6.51
N GLU C 12 13.71 -3.53 5.29
CA GLU C 12 13.72 -2.67 4.11
C GLU C 12 12.41 -1.93 3.93
N MET C 13 11.31 -2.66 4.09
CA MET C 13 9.97 -2.11 3.95
C MET C 13 9.70 -0.94 4.89
N PHE C 14 10.31 -0.97 6.07
CA PHE C 14 10.04 0.02 7.10
C PHE C 14 11.31 0.71 7.61
N ALA C 15 12.25 0.97 6.73
CA ALA C 15 13.50 1.61 7.10
C ALA C 15 13.31 3.07 7.47
N SER C 16 12.21 3.67 7.01
CA SER C 16 11.94 5.08 7.24
C SER C 16 11.27 5.30 8.59
N ARG C 17 10.94 4.18 9.24
CA ARG C 17 10.37 4.11 10.59
C ARG C 17 10.72 5.29 11.51
N PHE C 18 9.70 6.08 11.86
CA PHE C 18 9.85 7.15 12.84
C PHE C 18 10.86 8.23 12.43
N THR C 19 11.23 8.26 11.15
CA THR C 19 12.14 9.28 10.64
C THR C 19 11.38 10.40 9.92
N GLU C 20 12.12 11.29 9.27
CA GLU C 20 11.51 12.40 8.53
C GLU C 20 10.75 11.92 7.30
N ASN C 21 11.12 10.74 6.82
CA ASN C 21 10.47 10.15 5.65
C ASN C 21 9.29 9.26 6.02
N ASP C 22 8.99 9.19 7.32
CA ASP C 22 7.85 8.41 7.79
C ASP C 22 6.61 9.29 7.74
N LYS C 23 5.87 9.17 6.63
CA LYS C 23 4.75 10.07 6.37
C LYS C 23 3.61 9.93 7.38
N GLU C 24 3.32 8.72 7.79
CA GLU C 24 2.28 8.49 8.80
C GLU C 24 2.66 9.15 10.12
N TYR C 25 3.91 8.98 10.51
CA TYR C 25 4.38 9.49 11.79
C TYR C 25 4.46 11.01 11.79
N GLN C 26 4.91 11.57 10.67
CA GLN C 26 5.02 13.02 10.54
C GLN C 26 3.63 13.66 10.59
N GLU C 27 2.66 13.02 9.96
CA GLU C 27 1.27 13.44 10.05
C GLU C 27 0.73 13.34 11.47
N TYR C 28 1.18 12.32 12.20
CA TYR C 28 0.75 12.13 13.56
C TYR C 28 1.29 13.22 14.46
N LEU C 29 2.49 13.71 14.13
CA LEU C 29 3.12 14.77 14.90
C LEU C 29 2.44 16.13 14.74
N LYS C 30 1.63 16.29 13.69
CA LYS C 30 0.93 17.56 13.47
C LYS C 30 -0.34 17.64 14.31
N ARG C 31 -0.77 16.48 14.81
CA ARG C 31 -1.97 16.39 15.63
C ARG C 31 -1.81 17.23 16.89
N PRO C 32 -2.87 17.98 17.25
CA PRO C 32 -2.84 18.74 18.50
C PRO C 32 -2.81 17.82 19.71
N PRO C 33 -2.24 18.30 20.83
CA PRO C 33 -2.25 17.51 22.07
C PRO C 33 -3.69 17.21 22.48
N GLU C 34 -3.94 15.98 22.92
CA GLU C 34 -5.30 15.53 23.19
C GLU C 34 -5.86 16.07 24.50
N SER C 35 -7.10 16.54 24.43
CA SER C 35 -7.83 16.92 25.64
C SER C 35 -8.70 15.75 26.07
N PRO C 36 -8.83 15.55 27.39
CA PRO C 36 -9.63 14.44 27.92
C PRO C 36 -11.10 14.59 27.57
N PRO C 37 -11.81 13.45 27.38
CA PRO C 37 -13.25 13.47 27.09
C PRO C 37 -14.04 14.31 28.08
N ILE C 38 -14.98 15.10 27.57
CA ILE C 38 -15.89 15.86 28.41
C ILE C 38 -17.33 15.56 28.01
N VAL C 39 -18.14 15.18 28.99
CA VAL C 39 -19.56 14.91 28.76
C VAL C 39 -20.43 15.78 29.64
N GLU C 40 -21.40 16.45 29.03
CA GLU C 40 -22.31 17.31 29.79
C GLU C 40 -23.43 16.49 30.42
N GLU C 41 -24.07 17.07 31.42
CA GLU C 41 -25.25 16.47 32.02
C GLU C 41 -24.96 15.07 32.54
N TRP C 42 -23.85 14.93 33.24
CA TRP C 42 -23.35 13.62 33.64
C TRP C 42 -24.30 12.94 34.64
N ASN C 43 -25.22 13.72 35.19
CA ASN C 43 -26.22 13.18 36.11
C ASN C 43 -27.55 12.92 35.41
N ASP D 2 -13.56 9.64 -2.68
CA ASP D 2 -12.80 9.06 -3.78
C ASP D 2 -12.84 9.97 -5.00
N THR D 3 -13.71 9.61 -5.95
CA THR D 3 -13.81 10.32 -7.22
C THR D 3 -14.40 11.72 -7.08
N ALA D 4 -15.39 11.86 -6.20
CA ALA D 4 -16.14 13.11 -6.09
C ALA D 4 -15.26 14.32 -5.79
N GLU D 5 -14.13 14.08 -5.13
CA GLU D 5 -13.20 15.15 -4.79
C GLU D 5 -12.09 15.32 -5.82
N ALA D 6 -11.52 14.21 -6.26
CA ALA D 6 -10.31 14.21 -7.08
C ALA D 6 -10.56 14.71 -8.51
N VAL D 7 -11.63 14.23 -9.13
CA VAL D 7 -11.92 14.56 -10.51
C VAL D 7 -12.14 16.07 -10.73
N PRO D 8 -13.01 16.68 -9.93
CA PRO D 8 -13.22 18.13 -10.08
C PRO D 8 -11.95 18.91 -9.71
N LYS D 9 -11.17 18.34 -8.80
CA LYS D 9 -9.90 18.94 -8.41
C LYS D 9 -8.90 18.97 -9.57
N PHE D 10 -8.87 17.89 -10.36
CA PHE D 10 -7.95 17.81 -11.50
C PHE D 10 -8.40 18.64 -12.69
N GLU D 11 -9.70 18.73 -12.90
CA GLU D 11 -10.25 19.47 -14.03
C GLU D 11 -9.99 20.97 -13.86
N GLU D 12 -9.94 21.41 -12.61
CA GLU D 12 -9.62 22.80 -12.30
C GLU D 12 -8.12 23.01 -12.42
N MET D 13 -7.37 22.07 -11.88
CA MET D 13 -5.90 22.10 -11.92
C MET D 13 -5.38 22.13 -13.36
N PHE D 14 -6.14 21.51 -14.26
CA PHE D 14 -5.69 21.36 -15.64
C PHE D 14 -6.72 21.89 -16.65
N ALA D 15 -7.37 22.99 -16.29
CA ALA D 15 -8.38 23.59 -17.15
C ALA D 15 -7.78 24.23 -18.39
N SER D 16 -6.49 24.54 -18.34
CA SER D 16 -5.80 25.20 -19.44
C SER D 16 -5.34 24.18 -20.48
N ARG D 17 -5.52 22.91 -20.13
CA ARG D 17 -5.27 21.75 -20.99
C ARG D 17 -5.35 22.01 -22.49
N PHE D 18 -4.20 21.94 -23.15
CA PHE D 18 -4.12 22.04 -24.62
C PHE D 18 -4.64 23.36 -25.19
N THR D 19 -4.76 24.37 -24.34
CA THR D 19 -5.17 25.68 -24.82
C THR D 19 -3.97 26.59 -25.01
N GLU D 20 -4.24 27.85 -25.33
CA GLU D 20 -3.19 28.84 -25.50
C GLU D 20 -2.53 29.19 -24.17
N ASN D 21 -3.22 28.87 -23.08
CA ASN D 21 -2.68 29.10 -21.74
C ASN D 21 -1.90 27.90 -21.22
N ASP D 22 -1.80 26.86 -22.04
CA ASP D 22 -1.04 25.68 -21.69
C ASP D 22 0.42 25.88 -22.10
N LYS D 23 1.23 26.32 -21.15
CA LYS D 23 2.61 26.73 -21.43
C LYS D 23 3.44 25.56 -21.93
N GLU D 24 3.21 24.39 -21.35
CA GLU D 24 3.91 23.18 -21.77
C GLU D 24 3.58 22.81 -23.21
N TYR D 25 2.30 22.85 -23.54
CA TYR D 25 1.84 22.43 -24.87
C TYR D 25 2.22 23.43 -25.95
N GLN D 26 2.10 24.72 -25.64
CA GLN D 26 2.46 25.77 -26.58
C GLN D 26 3.95 25.72 -26.87
N GLU D 27 4.73 25.45 -25.82
CA GLU D 27 6.17 25.29 -25.98
C GLU D 27 6.48 24.09 -26.87
N TYR D 28 5.67 23.04 -26.76
CA TYR D 28 5.84 21.82 -27.55
C TYR D 28 5.53 22.05 -29.02
N LEU D 29 4.58 22.95 -29.28
CA LEU D 29 4.18 23.25 -30.65
C LEU D 29 5.28 24.01 -31.39
N LYS D 30 6.23 24.55 -30.63
CA LYS D 30 7.35 25.28 -31.23
C LYS D 30 8.44 24.34 -31.73
N ARG D 31 8.40 23.09 -31.29
CA ARG D 31 9.38 22.09 -31.71
C ARG D 31 9.33 21.89 -33.22
N PRO D 32 10.51 21.81 -33.86
CA PRO D 32 10.61 21.48 -35.28
C PRO D 32 10.15 20.04 -35.52
N PRO D 33 9.66 19.75 -36.73
CA PRO D 33 9.28 18.37 -37.06
C PRO D 33 10.45 17.41 -36.91
N GLU D 34 10.20 16.25 -36.32
CA GLU D 34 11.28 15.31 -36.02
C GLU D 34 11.73 14.53 -37.24
N SER D 35 13.04 14.44 -37.43
CA SER D 35 13.62 13.58 -38.45
C SER D 35 14.04 12.26 -37.83
N PRO D 36 13.90 11.16 -38.57
CA PRO D 36 14.23 9.82 -38.05
C PRO D 36 15.71 9.67 -37.74
N PRO D 37 16.04 8.86 -36.73
CA PRO D 37 17.41 8.57 -36.29
C PRO D 37 18.33 8.17 -37.43
N ILE D 38 19.55 8.70 -37.43
CA ILE D 38 20.56 8.26 -38.39
C ILE D 38 21.83 7.79 -37.70
N VAL D 39 22.23 6.56 -38.00
CA VAL D 39 23.47 6.00 -37.46
C VAL D 39 24.37 5.59 -38.62
N GLU D 40 25.61 6.05 -38.57
CA GLU D 40 26.58 5.80 -39.61
C GLU D 40 27.31 4.46 -39.46
N GLU D 41 27.89 3.99 -40.55
CA GLU D 41 28.74 2.81 -40.52
C GLU D 41 27.94 1.65 -39.94
N TRP D 42 26.71 1.50 -40.44
CA TRP D 42 25.72 0.60 -39.85
C TRP D 42 26.09 -0.88 -39.89
N ASN D 43 27.05 -1.24 -40.72
CA ASN D 43 27.51 -2.62 -40.75
C ASN D 43 28.78 -2.73 -39.93
N SER D 44 29.02 -1.67 -39.15
CA SER D 44 30.16 -1.58 -38.25
C SER D 44 31.47 -1.95 -38.94
C1 GOL E . -5.68 -9.47 35.88
O1 GOL E . -5.01 -10.49 35.17
C2 GOL E . -6.52 -8.64 34.90
O2 GOL E . -5.68 -7.71 34.25
C3 GOL E . -7.15 -9.57 33.87
O3 GOL E . -8.55 -9.62 34.06
N SAH F . -6.37 -9.08 28.62
CA SAH F . -6.71 -9.06 30.02
CB SAH F . -5.49 -8.82 30.87
CG SAH F . -4.54 -7.67 30.35
SD SAH F . -2.95 -7.77 31.22
C SAH F . -7.75 -7.92 30.29
O SAH F . -8.50 -8.00 31.30
OXT SAH F . -7.82 -6.97 29.54
C5' SAH F . -1.69 -8.55 30.08
C4' SAH F . -1.91 -10.12 30.00
O4' SAH F . -1.27 -10.59 29.00
C3' SAH F . -1.30 -10.82 31.26
O3' SAH F . -2.26 -11.54 31.91
C2' SAH F . -0.22 -11.73 30.72
O2' SAH F . -0.18 -13.02 31.54
C1' SAH F . -0.60 -11.98 29.50
N9 SAH F . 0.48 -12.36 28.61
C8 SAH F . 1.61 -11.69 28.40
N7 SAH F . 2.35 -12.35 27.51
C5 SAH F . 1.67 -13.45 27.12
C6 SAH F . 1.92 -14.49 26.22
N6 SAH F . 3.11 -14.52 25.50
N1 SAH F . 1.04 -15.43 26.07
C2 SAH F . -0.11 -15.43 26.75
N3 SAH F . -0.38 -14.45 27.61
C4 SAH F . 0.48 -13.46 27.82
N SAH G . 3.70 -4.89 -22.59
CA SAH G . 3.77 -5.87 -23.65
CB SAH G . 2.45 -5.90 -24.40
CG SAH G . 2.11 -4.53 -25.09
SD SAH G . 0.49 -4.63 -25.93
C SAH G . 4.92 -5.50 -24.63
O SAH G . 5.49 -4.37 -24.55
OXT SAH G . 5.28 -6.30 -25.47
C5' SAH G . -0.84 -3.94 -24.85
C4' SAH G . -1.21 -4.98 -23.71
O4' SAH G . -1.80 -4.37 -22.75
C3' SAH G . -2.23 -6.03 -24.23
O3' SAH G . -1.66 -7.27 -24.24
C2' SAH G . -3.41 -5.98 -23.26
O2' SAH G . -3.88 -7.39 -22.93
C1' SAH G . -2.91 -5.41 -22.19
N9 SAH G . -3.89 -4.68 -21.42
C8 SAH G . -4.65 -3.69 -21.84
N7 SAH G . -5.43 -3.26 -20.84
C5 SAH G . -5.13 -3.99 -19.75
C6 SAH G . -5.59 -4.00 -18.42
N6 SAH G . -6.57 -3.10 -18.04
N1 SAH G . -5.10 -4.85 -17.57
C2 SAH G . -4.15 -5.72 -17.93
N3 SAH G . -3.68 -5.74 -19.19
C4 SAH G . -4.15 -4.90 -20.10
#